data_8GS3
#
_entry.id   8GS3
#
_cell.length_a   1.00
_cell.length_b   1.00
_cell.length_c   1.00
_cell.angle_alpha   90.00
_cell.angle_beta   90.00
_cell.angle_gamma   90.00
#
_symmetry.space_group_name_H-M   'P 1'
#
_entity_poly.entity_id   1
_entity_poly.type   'polypeptide(L)'
_entity_poly.pdbx_seq_one_letter_code
;MWLRLGPPSLSLSPKPTVGRSLCLTLWFLSLALRASTQAPAPTVNTHFGKLRGARVPLPSEILGPVDQYLGVPYAAPPIG
EKRFLPPEPPPSWSGIRNATHFPPVCPQNIHTAVPEVMLPVWFTANLDIVATYIQEPNEDCLYLNVYVPTEDVKRISKEC
ARKPNKKICRKGGSGAKKQGEDLADNDGDEDEDIRDSGAKPVMVYIHGGSYMEGTGNMIDGSILASYGNVIVITLNYRVG
VLGFLSTGDQAAKGNYGLLDQIQALRWVSENIAFFGGDPRRITVFGSGIGASCVSLLTLSHHSEGLFQRAIIQSGSALSS
WAVNYQPVKYTSLLADKVGCNVLDTVDMVDCLRQKSAKELVEQDIQPARYHVAFGPVIDGDVIPDDPEILMEQGEFLNYD
IMLGVNQGEGLKFVEGVVDPEDGVSGTDFDYSVSNFVDNLYGYPEGKDTLRETIKFMYTDWADRDNPETRRKTLVALFTD
HQWVEPSVVTADLHARYGSPTYFYAFYHHCQSLMKPAWSDAAHGDEVPYVFGVPMVGPTDLFPCNFSKNDVMLSAVVMTY
WTNFAKTGDPNKPVPQDTKFIHTKANRFEEVAWSKYNPRDQLYLHIGLKPRVRDHYRATKVAFWKHLVPHLYNLHDMFHY
TSTTTKVPPPDTTHSSHITRRPNGKTWSTKRPAISPAYSNENAQGSWNGDQDAGPLLVENPRDYSTELSVTIAVGASLLF
LNVLAFAALYYRKDKRRQEPLRQPSPQRGAGAPELGAAPEEELAALQLGPTHHECEAGPPHDTLRLTALPDYTLTLRRSP
DDIPLMTPNTITMIPNSLVGLQTLHPYNTFAAGFNSTGLPHSHSTTRV
;
_entity_poly.pdbx_strand_id   A,B
#
# COMPACT_ATOMS: atom_id res chain seq x y z
N ALA A 41 -50.34 -31.87 -19.19
CA ALA A 41 -49.79 -31.45 -20.47
C ALA A 41 -49.58 -29.94 -20.50
N PRO A 42 -48.41 -29.48 -20.07
CA PRO A 42 -48.13 -28.03 -20.08
C PRO A 42 -48.04 -27.48 -21.50
N THR A 43 -49.00 -26.65 -21.89
CA THR A 43 -49.07 -26.09 -23.22
C THR A 43 -49.22 -24.58 -23.16
N VAL A 44 -48.61 -23.89 -24.12
CA VAL A 44 -48.61 -22.43 -24.18
C VAL A 44 -48.77 -21.98 -25.62
N ASN A 45 -49.62 -20.98 -25.84
CA ASN A 45 -49.78 -20.37 -27.15
C ASN A 45 -48.93 -19.11 -27.26
N THR A 46 -48.26 -18.94 -28.39
CA THR A 46 -47.42 -17.78 -28.67
C THR A 46 -47.74 -17.27 -30.07
N HIS A 47 -47.17 -16.10 -30.39
CA HIS A 47 -47.36 -15.46 -31.69
C HIS A 47 -47.04 -16.38 -32.87
N PHE A 48 -46.32 -17.47 -32.63
CA PHE A 48 -45.92 -18.38 -33.70
C PHE A 48 -46.60 -19.73 -33.63
N GLY A 49 -47.37 -20.03 -32.58
CA GLY A 49 -48.04 -21.31 -32.48
C GLY A 49 -48.11 -21.84 -31.07
N LYS A 50 -48.59 -23.07 -30.91
CA LYS A 50 -48.68 -23.67 -29.59
C LYS A 50 -47.52 -24.63 -29.35
N LEU A 51 -47.09 -24.71 -28.10
CA LEU A 51 -46.00 -25.61 -27.72
C LEU A 51 -46.40 -26.39 -26.48
N ARG A 52 -45.87 -27.62 -26.38
CA ARG A 52 -46.12 -28.48 -25.24
C ARG A 52 -44.83 -28.67 -24.45
N GLY A 53 -44.85 -28.31 -23.17
CA GLY A 53 -43.75 -28.55 -22.26
C GLY A 53 -44.01 -29.72 -21.34
N ALA A 54 -43.25 -29.77 -20.26
CA ALA A 54 -43.37 -30.84 -19.27
C ALA A 54 -43.31 -30.24 -17.88
N ARG A 55 -44.10 -30.80 -16.96
CA ARG A 55 -44.09 -30.40 -15.56
C ARG A 55 -43.17 -31.35 -14.80
N VAL A 56 -42.17 -30.80 -14.11
CA VAL A 56 -41.18 -31.58 -13.40
C VAL A 56 -41.25 -31.19 -11.92
N PRO A 57 -41.18 -32.14 -11.00
CA PRO A 57 -41.09 -31.79 -9.57
C PRO A 57 -39.64 -31.73 -9.10
N LEU A 58 -39.30 -30.72 -8.31
CA LEU A 58 -37.96 -30.65 -7.77
C LEU A 58 -37.78 -31.72 -6.68
N PRO A 59 -36.56 -32.25 -6.54
CA PRO A 59 -36.35 -33.30 -5.52
C PRO A 59 -36.67 -32.85 -4.11
N SER A 60 -36.46 -31.57 -3.79
CA SER A 60 -36.84 -31.10 -2.46
C SER A 60 -38.31 -30.76 -2.40
N GLU A 61 -38.96 -31.21 -1.33
CA GLU A 61 -40.40 -31.10 -1.23
C GLU A 61 -40.85 -29.64 -1.11
N ILE A 62 -40.10 -28.81 -0.37
CA ILE A 62 -40.58 -27.47 -0.05
C ILE A 62 -40.78 -26.64 -1.30
N LEU A 63 -39.84 -26.72 -2.25
CA LEU A 63 -39.98 -26.00 -3.51
C LEU A 63 -40.94 -26.76 -4.42
N GLY A 64 -41.86 -26.02 -5.04
CA GLY A 64 -42.88 -26.61 -5.87
C GLY A 64 -42.37 -26.99 -7.25
N PRO A 65 -43.20 -27.71 -8.01
CA PRO A 65 -42.80 -28.12 -9.36
C PRO A 65 -42.78 -26.94 -10.32
N VAL A 66 -42.08 -27.14 -11.44
CA VAL A 66 -41.96 -26.10 -12.45
C VAL A 66 -42.24 -26.70 -13.82
N ASP A 67 -42.71 -25.86 -14.74
CA ASP A 67 -43.02 -26.28 -16.09
C ASP A 67 -41.95 -25.78 -17.05
N GLN A 68 -41.33 -26.69 -17.79
CA GLN A 68 -40.25 -26.35 -18.72
C GLN A 68 -40.68 -26.60 -20.15
N TYR A 69 -40.36 -25.66 -21.03
CA TYR A 69 -40.55 -25.78 -22.47
C TYR A 69 -39.16 -25.68 -23.09
N LEU A 70 -38.71 -26.77 -23.69
CA LEU A 70 -37.34 -26.88 -24.17
C LEU A 70 -37.29 -26.74 -25.69
N GLY A 71 -36.26 -26.02 -26.15
CA GLY A 71 -36.03 -25.88 -27.58
C GLY A 71 -37.05 -25.05 -28.33
N VAL A 72 -37.50 -23.95 -27.74
CA VAL A 72 -38.36 -23.01 -28.45
C VAL A 72 -37.48 -22.20 -29.40
N PRO A 73 -37.73 -22.26 -30.71
CA PRO A 73 -36.90 -21.50 -31.66
C PRO A 73 -37.27 -20.03 -31.65
N TYR A 74 -36.26 -19.18 -31.53
CA TYR A 74 -36.45 -17.74 -31.53
C TYR A 74 -36.04 -17.07 -32.84
N ALA A 75 -35.49 -17.83 -33.79
CA ALA A 75 -35.03 -17.24 -35.03
C ALA A 75 -34.99 -18.31 -36.11
N ALA A 76 -34.88 -17.85 -37.36
CA ALA A 76 -34.75 -18.78 -38.48
C ALA A 76 -33.37 -19.41 -38.47
N PRO A 77 -33.24 -20.65 -38.95
CA PRO A 77 -31.92 -21.32 -38.94
C PRO A 77 -30.91 -20.55 -39.75
N PRO A 78 -29.76 -20.23 -39.17
CA PRO A 78 -28.72 -19.47 -39.85
C PRO A 78 -27.76 -20.37 -40.63
N ILE A 79 -28.29 -21.02 -41.67
CA ILE A 79 -27.57 -22.06 -42.38
C ILE A 79 -27.44 -21.69 -43.85
N GLY A 80 -26.28 -21.98 -44.41
CA GLY A 80 -26.05 -21.69 -45.81
C GLY A 80 -25.97 -20.19 -46.05
N GLU A 81 -27.01 -19.63 -46.67
CA GLU A 81 -26.99 -18.21 -47.03
C GLU A 81 -27.13 -17.30 -45.82
N LYS A 82 -28.00 -17.63 -44.86
CA LYS A 82 -28.13 -16.80 -43.68
C LYS A 82 -26.93 -16.90 -42.76
N ARG A 83 -25.99 -17.81 -43.05
CA ARG A 83 -24.72 -17.82 -42.34
C ARG A 83 -24.02 -16.47 -42.50
N PHE A 84 -23.45 -15.99 -41.41
CA PHE A 84 -22.76 -14.69 -41.37
C PHE A 84 -23.71 -13.55 -41.71
N LEU A 85 -24.97 -13.68 -41.31
CA LEU A 85 -26.00 -12.68 -41.52
C LEU A 85 -26.76 -12.44 -40.21
N PRO A 86 -27.40 -11.29 -40.07
CA PRO A 86 -28.19 -11.03 -38.88
C PRO A 86 -29.37 -12.02 -38.80
N PRO A 87 -29.81 -12.33 -37.60
CA PRO A 87 -30.89 -13.31 -37.45
C PRO A 87 -32.21 -12.79 -38.01
N GLU A 88 -33.10 -13.71 -38.33
CA GLU A 88 -34.40 -13.44 -38.92
C GLU A 88 -35.49 -14.14 -38.11
N PRO A 89 -36.73 -13.66 -38.18
CA PRO A 89 -37.79 -14.25 -37.37
C PRO A 89 -37.99 -15.72 -37.72
N PRO A 90 -38.31 -16.54 -36.72
CA PRO A 90 -38.53 -17.96 -37.01
C PRO A 90 -39.89 -18.18 -37.68
N PRO A 91 -39.97 -19.07 -38.66
CA PRO A 91 -41.26 -19.36 -39.27
C PRO A 91 -42.22 -20.01 -38.28
N SER A 92 -43.50 -19.72 -38.45
CA SER A 92 -44.51 -20.24 -37.54
C SER A 92 -45.01 -21.61 -38.01
N TRP A 93 -45.48 -22.40 -37.04
CA TRP A 93 -45.97 -23.75 -37.28
C TRP A 93 -47.44 -23.83 -36.90
N SER A 94 -48.20 -24.60 -37.68
CA SER A 94 -49.64 -24.68 -37.50
C SER A 94 -50.05 -25.43 -36.24
N GLY A 95 -49.45 -26.60 -36.00
CA GLY A 95 -49.89 -27.47 -34.93
C GLY A 95 -49.21 -27.17 -33.60
N ILE A 96 -49.13 -28.20 -32.77
CA ILE A 96 -48.48 -28.09 -31.47
C ILE A 96 -47.07 -28.64 -31.57
N ARG A 97 -46.10 -27.82 -31.17
CA ARG A 97 -44.69 -28.19 -31.26
C ARG A 97 -44.24 -28.86 -29.96
N ASN A 98 -43.55 -29.98 -30.11
CA ASN A 98 -43.02 -30.70 -28.96
C ASN A 98 -41.81 -29.95 -28.42
N ALA A 99 -41.87 -29.58 -27.15
CA ALA A 99 -40.80 -28.84 -26.49
C ALA A 99 -40.23 -29.67 -25.34
N THR A 100 -39.90 -30.94 -25.61
CA THR A 100 -39.59 -31.88 -24.54
C THR A 100 -38.10 -32.15 -24.38
N HIS A 101 -37.32 -32.00 -25.45
CA HIS A 101 -35.91 -32.40 -25.43
C HIS A 101 -35.01 -31.22 -25.76
N PHE A 102 -33.70 -31.44 -25.62
CA PHE A 102 -32.73 -30.41 -25.94
C PHE A 102 -32.32 -30.50 -27.40
N PRO A 103 -32.51 -29.44 -28.18
CA PRO A 103 -31.96 -29.40 -29.53
C PRO A 103 -30.45 -29.57 -29.53
N PRO A 104 -29.87 -29.92 -30.67
CA PRO A 104 -28.41 -29.94 -30.79
C PRO A 104 -27.81 -28.57 -30.55
N VAL A 105 -26.59 -28.56 -30.02
CA VAL A 105 -25.90 -27.32 -29.66
C VAL A 105 -25.23 -26.72 -30.89
N CYS A 106 -24.77 -25.48 -30.76
CA CYS A 106 -24.10 -24.80 -31.85
C CYS A 106 -22.76 -25.45 -32.14
N PRO A 107 -22.30 -25.40 -33.39
CA PRO A 107 -21.03 -26.07 -33.74
C PRO A 107 -19.84 -25.55 -32.94
N GLN A 108 -19.26 -26.41 -32.11
CA GLN A 108 -18.15 -26.05 -31.25
C GLN A 108 -17.43 -27.32 -30.82
N ASN A 109 -16.19 -27.15 -30.37
CA ASN A 109 -15.33 -28.28 -30.04
C ASN A 109 -14.58 -27.99 -28.74
N ILE A 110 -14.84 -28.78 -27.71
CA ILE A 110 -14.16 -28.60 -26.43
C ILE A 110 -12.73 -29.12 -26.48
N HIS A 111 -12.46 -30.09 -27.36
CA HIS A 111 -11.12 -30.66 -27.42
C HIS A 111 -10.12 -29.69 -28.03
N THR A 112 -10.59 -28.82 -28.93
CA THR A 112 -9.71 -27.84 -29.55
C THR A 112 -9.16 -26.88 -28.51
N ALA A 113 -7.93 -26.41 -28.75
CA ALA A 113 -7.25 -25.54 -27.80
C ALA A 113 -8.01 -24.23 -27.62
N VAL A 114 -8.20 -23.85 -26.37
CA VAL A 114 -8.87 -22.61 -26.01
C VAL A 114 -8.15 -21.98 -24.82
N PRO A 115 -8.25 -20.66 -24.67
CA PRO A 115 -7.65 -20.01 -23.50
C PRO A 115 -8.21 -20.61 -22.21
N GLU A 116 -7.34 -21.28 -21.46
CA GLU A 116 -7.80 -22.03 -20.28
C GLU A 116 -8.19 -21.09 -19.15
N VAL A 117 -7.57 -19.91 -19.09
CA VAL A 117 -7.85 -18.97 -18.01
C VAL A 117 -9.29 -18.48 -18.05
N MET A 118 -9.86 -18.33 -19.25
CA MET A 118 -11.18 -17.75 -19.39
C MET A 118 -12.27 -18.72 -18.94
N LEU A 119 -12.09 -19.99 -19.18
CA LEU A 119 -13.15 -20.95 -18.88
C LEU A 119 -13.32 -21.13 -17.38
N PRO A 120 -14.55 -21.35 -16.91
CA PRO A 120 -14.77 -21.55 -15.48
C PRO A 120 -14.21 -22.88 -15.01
N VAL A 121 -13.92 -22.95 -13.70
CA VAL A 121 -13.26 -24.13 -13.14
C VAL A 121 -14.13 -25.37 -13.29
N TRP A 122 -15.42 -25.25 -12.99
CA TRP A 122 -16.32 -26.40 -13.08
C TRP A 122 -16.47 -26.90 -14.50
N PHE A 123 -16.10 -26.07 -15.49
CA PHE A 123 -16.15 -26.48 -16.89
C PHE A 123 -14.92 -27.30 -17.26
N THR A 124 -13.73 -26.73 -17.07
CA THR A 124 -12.51 -27.43 -17.44
C THR A 124 -12.32 -28.69 -16.61
N ALA A 125 -12.59 -28.62 -15.30
CA ALA A 125 -12.40 -29.79 -14.45
C ALA A 125 -13.32 -30.94 -14.81
N ASN A 126 -14.56 -30.66 -15.21
CA ASN A 126 -15.55 -31.68 -15.52
C ASN A 126 -15.84 -31.71 -17.01
N LEU A 127 -14.81 -31.35 -17.79
CA LEU A 127 -14.83 -31.54 -19.24
C LEU A 127 -15.43 -32.88 -19.65
N ASP A 128 -15.20 -33.95 -18.87
CA ASP A 128 -15.77 -35.24 -19.24
C ASP A 128 -17.30 -35.18 -19.27
N ILE A 129 -17.91 -34.66 -18.21
CA ILE A 129 -19.37 -34.54 -18.17
C ILE A 129 -19.84 -33.52 -19.21
N VAL A 130 -19.05 -32.46 -19.42
CA VAL A 130 -19.39 -31.47 -20.43
C VAL A 130 -19.46 -32.12 -21.81
N ALA A 131 -18.62 -33.11 -22.05
CA ALA A 131 -18.61 -33.82 -23.33
C ALA A 131 -19.96 -34.47 -23.61
N THR A 132 -20.64 -34.96 -22.58
CA THR A 132 -21.96 -35.56 -22.79
C THR A 132 -22.96 -34.54 -23.30
N TYR A 133 -22.94 -33.32 -22.75
CA TYR A 133 -23.81 -32.27 -23.24
C TYR A 133 -23.40 -31.78 -24.62
N ILE A 134 -22.11 -31.76 -24.91
CA ILE A 134 -21.63 -31.07 -26.10
C ILE A 134 -21.72 -31.95 -27.33
N GLN A 135 -22.08 -33.22 -27.17
CA GLN A 135 -22.07 -34.16 -28.28
C GLN A 135 -23.10 -33.79 -29.33
N GLU A 136 -22.76 -34.07 -30.59
CA GLU A 136 -23.62 -33.85 -31.75
C GLU A 136 -24.01 -32.38 -31.91
N PRO A 137 -23.06 -31.49 -32.16
CA PRO A 137 -23.42 -30.09 -32.41
C PRO A 137 -24.01 -29.94 -33.81
N ASN A 138 -24.88 -28.94 -33.97
CA ASN A 138 -25.47 -28.65 -35.27
C ASN A 138 -25.55 -27.15 -35.48
N GLU A 139 -25.48 -26.77 -36.76
CA GLU A 139 -25.58 -25.36 -37.13
C GLU A 139 -26.97 -24.80 -36.89
N ASP A 140 -28.00 -25.62 -36.98
CA ASP A 140 -29.36 -25.22 -36.61
C ASP A 140 -29.44 -25.24 -35.09
N CYS A 141 -29.05 -24.13 -34.47
CA CYS A 141 -28.88 -24.07 -33.02
C CYS A 141 -29.42 -22.79 -32.40
N LEU A 142 -30.36 -22.10 -33.03
CA LEU A 142 -30.99 -20.92 -32.45
C LEU A 142 -32.26 -21.35 -31.74
N TYR A 143 -32.11 -21.70 -30.47
CA TYR A 143 -33.24 -22.13 -29.64
C TYR A 143 -33.05 -21.65 -28.21
N LEU A 144 -34.13 -21.69 -27.44
CA LEU A 144 -34.10 -21.31 -26.03
C LEU A 144 -34.98 -22.26 -25.23
N ASN A 145 -34.85 -22.14 -23.91
CA ASN A 145 -35.52 -22.98 -22.94
C ASN A 145 -36.15 -22.10 -21.88
N VAL A 146 -37.38 -22.44 -21.48
CA VAL A 146 -38.14 -21.65 -20.51
C VAL A 146 -38.49 -22.54 -19.33
N TYR A 147 -38.32 -22.02 -18.12
CA TYR A 147 -38.76 -22.67 -16.90
C TYR A 147 -39.64 -21.68 -16.14
N VAL A 148 -40.86 -22.10 -15.83
CA VAL A 148 -41.89 -21.24 -15.27
C VAL A 148 -42.34 -21.84 -13.95
N PRO A 149 -42.45 -21.06 -12.88
CA PRO A 149 -42.99 -21.57 -11.62
C PRO A 149 -44.47 -21.89 -11.75
N THR A 150 -44.92 -22.86 -10.95
CA THR A 150 -46.32 -23.24 -10.94
C THR A 150 -47.08 -22.48 -9.86
N SER A 197 -47.61 -14.20 -7.01
CA SER A 197 -48.91 -13.73 -7.45
C SER A 197 -48.78 -12.64 -8.51
N GLY A 198 -49.54 -12.77 -9.59
CA GLY A 198 -49.47 -11.83 -10.70
C GLY A 198 -48.44 -12.21 -11.73
N ALA A 199 -48.25 -11.32 -12.69
CA ALA A 199 -47.24 -11.53 -13.72
C ALA A 199 -45.85 -11.56 -13.10
N LYS A 200 -45.02 -12.46 -13.61
CA LYS A 200 -43.75 -12.66 -12.91
C LYS A 200 -42.60 -12.03 -13.66
N PRO A 201 -41.57 -11.58 -12.94
CA PRO A 201 -40.37 -11.06 -13.59
C PRO A 201 -39.66 -12.15 -14.38
N VAL A 202 -38.89 -11.73 -15.37
CA VAL A 202 -38.24 -12.65 -16.31
C VAL A 202 -36.73 -12.47 -16.19
N MET A 203 -36.02 -13.59 -16.06
CA MET A 203 -34.56 -13.61 -16.11
C MET A 203 -34.16 -14.30 -17.41
N VAL A 204 -33.14 -13.76 -18.07
CA VAL A 204 -32.54 -14.41 -19.23
C VAL A 204 -31.06 -14.61 -18.95
N TYR A 205 -30.62 -15.87 -18.97
CA TYR A 205 -29.23 -16.19 -18.70
C TYR A 205 -28.46 -16.31 -20.00
N ILE A 206 -27.36 -15.59 -20.09
CA ILE A 206 -26.44 -15.67 -21.22
C ILE A 206 -25.23 -16.46 -20.75
N HIS A 207 -25.14 -17.71 -21.18
CA HIS A 207 -23.99 -18.54 -20.88
C HIS A 207 -22.76 -18.01 -21.62
N GLY A 208 -21.61 -18.57 -21.28
CA GLY A 208 -20.44 -18.40 -22.11
C GLY A 208 -19.18 -18.91 -21.43
N GLY A 209 -18.37 -19.67 -22.16
CA GLY A 209 -17.07 -20.02 -21.65
C GLY A 209 -15.95 -19.13 -22.16
N SER A 210 -15.78 -19.08 -23.48
CA SER A 210 -14.64 -18.33 -24.02
C SER A 210 -14.92 -17.62 -25.34
N TYR A 211 -16.17 -17.43 -25.74
CA TYR A 211 -16.60 -17.02 -27.07
C TYR A 211 -16.29 -18.12 -28.09
N MET A 212 -15.76 -19.27 -27.66
CA MET A 212 -15.53 -20.43 -28.52
C MET A 212 -16.48 -21.57 -28.20
N GLU A 213 -16.90 -21.71 -26.93
CA GLU A 213 -17.53 -22.91 -26.41
C GLU A 213 -18.73 -22.53 -25.56
N GLY A 214 -19.51 -23.54 -25.20
CA GLY A 214 -20.56 -23.40 -24.20
C GLY A 214 -21.96 -23.52 -24.79
N THR A 215 -22.92 -23.69 -23.89
CA THR A 215 -24.34 -23.68 -24.22
C THR A 215 -25.16 -23.45 -22.96
N GLY A 216 -26.43 -23.11 -23.14
CA GLY A 216 -27.32 -22.91 -22.01
C GLY A 216 -27.92 -24.20 -21.48
N ASN A 217 -27.59 -25.33 -22.07
CA ASN A 217 -28.27 -26.58 -21.72
C ASN A 217 -27.81 -27.11 -20.37
N MET A 218 -26.53 -26.97 -20.02
CA MET A 218 -26.05 -27.57 -18.78
C MET A 218 -26.70 -26.96 -17.55
N ILE A 219 -27.13 -25.70 -17.63
CA ILE A 219 -27.70 -25.01 -16.50
C ILE A 219 -29.21 -25.23 -16.51
N ASP A 220 -29.73 -25.75 -15.40
CA ASP A 220 -31.17 -25.97 -15.24
C ASP A 220 -31.67 -24.96 -14.23
N GLY A 221 -32.51 -24.03 -14.69
CA GLY A 221 -33.02 -22.96 -13.86
C GLY A 221 -34.27 -23.29 -13.07
N SER A 222 -34.60 -24.58 -12.93
CA SER A 222 -35.81 -24.96 -12.21
C SER A 222 -35.75 -24.51 -10.75
N ILE A 223 -34.57 -24.62 -10.13
CA ILE A 223 -34.42 -24.26 -8.73
C ILE A 223 -34.73 -22.78 -8.53
N LEU A 224 -34.10 -21.92 -9.34
CA LEU A 224 -34.28 -20.49 -9.17
C LEU A 224 -35.72 -20.09 -9.46
N ALA A 225 -36.33 -20.70 -10.49
CA ALA A 225 -37.72 -20.41 -10.79
C ALA A 225 -38.63 -20.80 -9.64
N SER A 226 -38.45 -21.99 -9.09
CA SER A 226 -39.32 -22.44 -8.02
C SER A 226 -39.12 -21.57 -6.77
N TYR A 227 -37.88 -21.29 -6.39
CA TYR A 227 -37.64 -20.56 -5.14
C TYR A 227 -38.10 -19.12 -5.26
N GLY A 228 -37.68 -18.44 -6.32
CA GLY A 228 -37.98 -17.03 -6.45
C GLY A 228 -39.31 -16.68 -7.05
N ASN A 229 -40.04 -17.67 -7.56
CA ASN A 229 -41.32 -17.45 -8.24
C ASN A 229 -41.15 -16.51 -9.43
N VAL A 230 -40.10 -16.75 -10.23
CA VAL A 230 -39.80 -15.98 -11.41
C VAL A 230 -39.55 -16.92 -12.58
N ILE A 231 -39.74 -16.40 -13.79
CA ILE A 231 -39.53 -17.16 -15.02
C ILE A 231 -38.07 -17.04 -15.42
N VAL A 232 -37.46 -18.16 -15.83
CA VAL A 232 -36.05 -18.19 -16.21
C VAL A 232 -35.93 -18.74 -17.62
N ILE A 233 -35.09 -18.11 -18.43
CA ILE A 233 -34.88 -18.50 -19.82
C ILE A 233 -33.39 -18.68 -20.06
N THR A 234 -33.03 -19.77 -20.72
CA THR A 234 -31.65 -20.05 -21.11
C THR A 234 -31.60 -20.30 -22.61
N LEU A 235 -30.76 -19.57 -23.32
CA LEU A 235 -30.82 -19.54 -24.77
C LEU A 235 -29.48 -19.97 -25.39
N ASN A 236 -29.56 -20.38 -26.65
CA ASN A 236 -28.40 -20.78 -27.44
C ASN A 236 -28.18 -19.77 -28.55
N TYR A 237 -26.96 -19.29 -28.67
CA TYR A 237 -26.61 -18.30 -29.69
C TYR A 237 -25.40 -18.79 -30.47
N ARG A 238 -25.22 -18.22 -31.66
CA ARG A 238 -24.09 -18.59 -32.50
C ARG A 238 -22.77 -18.28 -31.81
N VAL A 239 -21.77 -19.13 -32.04
CA VAL A 239 -20.50 -19.04 -31.34
C VAL A 239 -19.38 -19.37 -32.32
N GLY A 240 -18.15 -19.01 -31.95
CA GLY A 240 -17.00 -19.35 -32.75
C GLY A 240 -16.93 -18.57 -34.03
N VAL A 241 -16.45 -19.23 -35.08
CA VAL A 241 -16.31 -18.59 -36.37
C VAL A 241 -17.67 -18.15 -36.91
N LEU A 242 -18.67 -19.03 -36.83
CA LEU A 242 -20.00 -18.67 -37.28
C LEU A 242 -20.58 -17.53 -36.45
N GLY A 243 -20.12 -17.36 -35.22
CA GLY A 243 -20.72 -16.38 -34.33
C GLY A 243 -20.07 -15.02 -34.34
N PHE A 244 -18.77 -14.95 -34.63
CA PHE A 244 -18.05 -13.68 -34.52
C PHE A 244 -17.05 -13.43 -35.64
N LEU A 245 -17.20 -14.05 -36.80
CA LEU A 245 -16.29 -13.75 -37.91
C LEU A 245 -16.51 -12.33 -38.40
N SER A 246 -15.41 -11.63 -38.66
CA SER A 246 -15.46 -10.24 -39.09
C SER A 246 -14.34 -9.96 -40.09
N THR A 247 -14.69 -9.35 -41.22
CA THR A 247 -13.72 -8.93 -42.21
C THR A 247 -13.36 -7.45 -42.09
N GLY A 248 -13.90 -6.75 -41.08
CA GLY A 248 -13.64 -5.34 -40.93
C GLY A 248 -14.39 -4.44 -41.88
N ASP A 249 -15.34 -4.98 -42.64
CA ASP A 249 -16.09 -4.19 -43.61
C ASP A 249 -17.49 -4.74 -43.78
N GLN A 250 -18.18 -4.31 -44.84
CA GLN A 250 -19.55 -4.75 -45.08
C GLN A 250 -19.64 -6.20 -45.50
N ALA A 251 -18.53 -6.82 -45.90
CA ALA A 251 -18.55 -8.24 -46.25
C ALA A 251 -18.90 -9.09 -45.04
N ALA A 252 -18.31 -8.78 -43.88
CA ALA A 252 -18.62 -9.50 -42.65
C ALA A 252 -18.45 -8.52 -41.49
N LYS A 253 -19.56 -7.92 -41.07
CA LYS A 253 -19.50 -6.99 -39.94
C LYS A 253 -19.25 -7.72 -38.63
N GLY A 254 -19.77 -8.94 -38.49
CA GLY A 254 -19.58 -9.69 -37.28
C GLY A 254 -20.64 -9.40 -36.23
N ASN A 255 -20.28 -9.68 -34.98
CA ASN A 255 -21.15 -9.50 -33.83
C ASN A 255 -22.44 -10.30 -33.95
N TYR A 256 -22.38 -11.46 -34.61
CA TYR A 256 -23.60 -12.23 -34.87
C TYR A 256 -24.16 -12.86 -33.61
N GLY A 257 -23.30 -13.18 -32.63
CA GLY A 257 -23.80 -13.67 -31.36
C GLY A 257 -24.55 -12.60 -30.58
N LEU A 258 -24.04 -11.37 -30.59
CA LEU A 258 -24.77 -10.27 -30.00
C LEU A 258 -26.11 -10.06 -30.69
N LEU A 259 -26.10 -10.14 -32.02
CA LEU A 259 -27.34 -10.05 -32.78
C LEU A 259 -28.31 -11.16 -32.39
N ASP A 260 -27.79 -12.35 -32.15
CA ASP A 260 -28.64 -13.46 -31.75
C ASP A 260 -29.29 -13.21 -30.39
N GLN A 261 -28.52 -12.72 -29.43
CA GLN A 261 -29.13 -12.44 -28.12
C GLN A 261 -30.10 -11.26 -28.20
N ILE A 262 -29.85 -10.28 -29.06
CA ILE A 262 -30.84 -9.22 -29.24
C ILE A 262 -32.13 -9.79 -29.82
N GLN A 263 -32.01 -10.67 -30.82
CA GLN A 263 -33.20 -11.28 -31.40
C GLN A 263 -33.99 -12.08 -30.37
N ALA A 264 -33.29 -12.88 -29.57
CA ALA A 264 -33.98 -13.67 -28.55
C ALA A 264 -34.60 -12.77 -27.48
N LEU A 265 -33.93 -11.68 -27.12
CA LEU A 265 -34.50 -10.75 -26.16
C LEU A 265 -35.77 -10.12 -26.72
N ARG A 266 -35.77 -9.80 -28.01
CA ARG A 266 -36.98 -9.31 -28.67
C ARG A 266 -38.08 -10.36 -28.63
N TRP A 267 -37.71 -11.62 -28.86
CA TRP A 267 -38.70 -12.70 -28.84
C TRP A 267 -39.36 -12.81 -27.46
N VAL A 268 -38.55 -12.88 -26.41
CA VAL A 268 -39.13 -13.01 -25.07
C VAL A 268 -39.93 -11.77 -24.71
N SER A 269 -39.42 -10.59 -25.08
CA SER A 269 -40.15 -9.35 -24.80
C SER A 269 -41.53 -9.38 -25.44
N GLU A 270 -41.63 -9.88 -26.67
CA GLU A 270 -42.92 -9.93 -27.34
C GLU A 270 -43.81 -11.08 -26.89
N ASN A 271 -43.25 -12.16 -26.34
CA ASN A 271 -44.03 -13.38 -26.14
C ASN A 271 -44.05 -13.94 -24.73
N ILE A 272 -43.40 -13.30 -23.75
CA ILE A 272 -43.34 -13.93 -22.43
C ILE A 272 -44.65 -13.75 -21.68
N ALA A 273 -45.44 -12.74 -22.05
CA ALA A 273 -46.73 -12.54 -21.40
C ALA A 273 -47.66 -13.72 -21.61
N PHE A 274 -47.42 -14.50 -22.67
CA PHE A 274 -48.17 -15.74 -22.87
C PHE A 274 -47.91 -16.76 -21.78
N PHE A 275 -46.71 -16.73 -21.19
CA PHE A 275 -46.33 -17.67 -20.14
C PHE A 275 -46.65 -17.13 -18.75
N GLY A 276 -47.21 -15.94 -18.64
CA GLY A 276 -47.46 -15.31 -17.35
C GLY A 276 -46.34 -14.43 -16.85
N GLY A 277 -45.39 -14.06 -17.71
CA GLY A 277 -44.31 -13.20 -17.30
C GLY A 277 -44.64 -11.73 -17.43
N ASP A 278 -43.74 -10.88 -16.94
CA ASP A 278 -43.92 -9.45 -16.99
C ASP A 278 -42.96 -8.84 -18.00
N PRO A 279 -43.42 -8.43 -19.18
CA PRO A 279 -42.50 -7.82 -20.16
C PRO A 279 -41.88 -6.52 -19.68
N ARG A 280 -42.53 -5.80 -18.77
CA ARG A 280 -41.94 -4.58 -18.25
C ARG A 280 -40.87 -4.85 -17.20
N ARG A 281 -40.79 -6.08 -16.70
CA ARG A 281 -39.76 -6.47 -15.74
C ARG A 281 -38.98 -7.66 -16.31
N ILE A 282 -37.95 -7.33 -17.08
CA ILE A 282 -37.02 -8.31 -17.64
C ILE A 282 -35.61 -7.92 -17.26
N THR A 283 -34.83 -8.90 -16.83
CA THR A 283 -33.40 -8.71 -16.53
C THR A 283 -32.61 -9.79 -17.27
N VAL A 284 -31.43 -9.40 -17.77
CA VAL A 284 -30.53 -10.31 -18.43
C VAL A 284 -29.25 -10.39 -17.62
N PHE A 285 -28.77 -11.60 -17.38
CA PHE A 285 -27.60 -11.81 -16.53
C PHE A 285 -26.71 -12.88 -17.13
N GLY A 286 -25.43 -12.80 -16.80
CA GLY A 286 -24.46 -13.75 -17.30
C GLY A 286 -23.24 -13.79 -16.41
N SER A 287 -22.46 -14.85 -16.56
CA SER A 287 -21.23 -15.03 -15.81
C SER A 287 -20.07 -15.22 -16.77
N GLY A 288 -18.90 -14.74 -16.36
CA GLY A 288 -17.73 -14.84 -17.20
C GLY A 288 -17.91 -14.10 -18.50
N ILE A 289 -17.80 -14.82 -19.62
CA ILE A 289 -18.00 -14.23 -20.93
C ILE A 289 -19.43 -13.73 -21.09
N GLY A 290 -20.40 -14.48 -20.56
CA GLY A 290 -21.79 -14.05 -20.67
C GLY A 290 -22.04 -12.70 -20.02
N ALA A 291 -21.34 -12.43 -18.92
CA ALA A 291 -21.41 -11.11 -18.32
C ALA A 291 -20.86 -10.04 -19.25
N SER A 292 -19.78 -10.34 -19.97
CA SER A 292 -19.27 -9.39 -20.96
C SER A 292 -20.29 -9.18 -22.07
N CYS A 293 -20.99 -10.23 -22.48
CA CYS A 293 -22.05 -10.09 -23.48
C CYS A 293 -23.14 -9.15 -22.99
N VAL A 294 -23.56 -9.32 -21.73
CA VAL A 294 -24.60 -8.45 -21.17
C VAL A 294 -24.11 -7.01 -21.09
N SER A 295 -22.86 -6.82 -20.66
CA SER A 295 -22.32 -5.47 -20.54
C SER A 295 -22.25 -4.80 -21.91
N LEU A 296 -21.89 -5.56 -22.93
CA LEU A 296 -21.91 -5.02 -24.29
C LEU A 296 -23.32 -4.72 -24.76
N LEU A 297 -24.29 -5.57 -24.39
CA LEU A 297 -25.67 -5.33 -24.77
C LEU A 297 -26.22 -4.05 -24.18
N THR A 298 -25.93 -3.78 -22.90
CA THR A 298 -26.39 -2.52 -22.31
C THR A 298 -25.78 -1.31 -22.99
N LEU A 299 -24.70 -1.48 -23.72
CA LEU A 299 -24.06 -0.39 -24.47
C LEU A 299 -24.52 -0.32 -25.91
N SER A 300 -25.42 -1.21 -26.33
CA SER A 300 -25.83 -1.31 -27.72
C SER A 300 -27.13 -0.56 -27.95
N HIS A 301 -27.19 0.17 -29.07
CA HIS A 301 -28.42 0.89 -29.42
C HIS A 301 -29.52 -0.07 -29.81
N HIS A 302 -29.16 -1.27 -30.27
CA HIS A 302 -30.19 -2.22 -30.70
C HIS A 302 -30.96 -2.81 -29.52
N SER A 303 -30.44 -2.63 -28.31
CA SER A 303 -31.03 -3.25 -27.12
C SER A 303 -32.00 -2.34 -26.38
N GLU A 304 -32.27 -1.13 -26.88
CA GLU A 304 -33.09 -0.19 -26.12
C GLU A 304 -34.53 -0.68 -26.01
N GLY A 305 -35.06 -0.65 -24.79
CA GLY A 305 -36.45 -0.96 -24.55
C GLY A 305 -36.78 -2.43 -24.40
N LEU A 306 -35.80 -3.33 -24.59
CA LEU A 306 -36.12 -4.75 -24.47
C LEU A 306 -36.06 -5.21 -23.02
N PHE A 307 -35.06 -4.74 -22.27
CA PHE A 307 -34.88 -5.13 -20.88
C PHE A 307 -34.63 -3.89 -20.03
N GLN A 308 -34.84 -4.04 -18.73
CA GLN A 308 -34.76 -2.92 -17.80
C GLN A 308 -33.62 -3.05 -16.79
N ARG A 309 -33.32 -4.26 -16.33
CA ARG A 309 -32.25 -4.50 -15.39
C ARG A 309 -31.26 -5.48 -15.99
N ALA A 310 -30.08 -5.57 -15.36
CA ALA A 310 -29.05 -6.49 -15.78
C ALA A 310 -28.18 -6.85 -14.59
N ILE A 311 -27.60 -8.05 -14.65
CA ILE A 311 -26.67 -8.53 -13.63
C ILE A 311 -25.41 -8.99 -14.34
N ILE A 312 -24.28 -8.40 -14.00
CA ILE A 312 -23.01 -8.65 -14.67
C ILE A 312 -22.08 -9.29 -13.65
N GLN A 313 -21.86 -10.59 -13.76
CA GLN A 313 -21.11 -11.36 -12.78
C GLN A 313 -19.77 -11.78 -13.37
N SER A 314 -18.69 -11.31 -12.76
CA SER A 314 -17.33 -11.73 -13.11
C SER A 314 -17.02 -11.51 -14.59
N GLY A 315 -17.48 -10.37 -15.10
CA GLY A 315 -17.24 -10.04 -16.49
C GLY A 315 -17.42 -8.56 -16.72
N SER A 316 -16.87 -8.09 -17.84
CA SER A 316 -16.95 -6.68 -18.19
C SER A 316 -16.69 -6.53 -19.68
N ALA A 317 -17.05 -5.36 -20.20
CA ALA A 317 -16.73 -5.01 -21.57
C ALA A 317 -15.39 -4.31 -21.69
N LEU A 318 -14.68 -4.10 -20.58
CA LEU A 318 -13.40 -3.43 -20.59
C LEU A 318 -12.22 -4.38 -20.42
N SER A 319 -12.47 -5.68 -20.23
CA SER A 319 -11.39 -6.62 -20.06
C SER A 319 -10.59 -6.77 -21.34
N SER A 320 -9.38 -7.32 -21.21
CA SER A 320 -8.48 -7.43 -22.35
C SER A 320 -8.99 -8.45 -23.37
N TRP A 321 -9.86 -9.37 -22.94
CA TRP A 321 -10.38 -10.39 -23.83
C TRP A 321 -11.86 -10.19 -24.14
N ALA A 322 -12.39 -9.00 -23.93
CA ALA A 322 -13.80 -8.74 -24.16
C ALA A 322 -14.11 -8.47 -25.63
N VAL A 323 -13.34 -7.60 -26.28
CA VAL A 323 -13.58 -7.20 -27.65
C VAL A 323 -12.29 -7.39 -28.44
N ASN A 324 -12.41 -7.95 -29.63
CA ASN A 324 -11.26 -8.19 -30.50
C ASN A 324 -10.99 -6.94 -31.32
N TYR A 325 -9.81 -6.36 -31.14
CA TYR A 325 -9.41 -5.16 -31.86
C TYR A 325 -8.63 -5.48 -33.13
N GLN A 326 -8.34 -6.76 -33.38
CA GLN A 326 -7.60 -7.17 -34.58
C GLN A 326 -8.37 -8.26 -35.32
N PRO A 327 -9.53 -7.93 -35.87
CA PRO A 327 -10.35 -8.97 -36.51
C PRO A 327 -9.82 -9.41 -37.87
N VAL A 328 -9.32 -8.48 -38.67
CA VAL A 328 -8.94 -8.81 -40.04
C VAL A 328 -7.76 -9.76 -40.07
N LYS A 329 -6.84 -9.62 -39.11
CA LYS A 329 -5.65 -10.47 -39.09
C LYS A 329 -6.03 -11.93 -38.88
N TYR A 330 -6.81 -12.22 -37.83
CA TYR A 330 -7.21 -13.59 -37.56
C TYR A 330 -8.21 -14.11 -38.59
N THR A 331 -9.04 -13.23 -39.15
CA THR A 331 -9.94 -13.65 -40.22
C THR A 331 -9.15 -14.10 -41.45
N SER A 332 -8.13 -13.34 -41.83
CA SER A 332 -7.29 -13.73 -42.96
C SER A 332 -6.50 -14.99 -42.63
N LEU A 333 -6.08 -15.14 -41.37
CA LEU A 333 -5.40 -16.37 -40.96
C LEU A 333 -6.32 -17.57 -41.14
N LEU A 334 -7.58 -17.46 -40.72
CA LEU A 334 -8.52 -18.55 -40.90
C LEU A 334 -8.76 -18.83 -42.38
N ALA A 335 -8.93 -17.77 -43.17
CA ALA A 335 -9.14 -17.96 -44.60
C ALA A 335 -7.96 -18.68 -45.25
N ASP A 336 -6.75 -18.31 -44.85
CA ASP A 336 -5.56 -18.98 -45.37
C ASP A 336 -5.52 -20.45 -44.94
N LYS A 337 -5.91 -20.72 -43.68
CA LYS A 337 -5.87 -22.10 -43.19
C LYS A 337 -6.82 -23.00 -43.96
N VAL A 338 -8.03 -22.52 -44.23
CA VAL A 338 -9.01 -23.30 -44.98
C VAL A 338 -8.84 -23.16 -46.48
N GLY A 339 -7.92 -22.32 -46.94
CA GLY A 339 -7.69 -22.13 -48.36
C GLY A 339 -8.83 -21.48 -49.10
N CYS A 340 -9.52 -20.53 -48.47
CA CYS A 340 -10.60 -19.78 -49.10
C CYS A 340 -10.14 -18.38 -49.49
N ASN A 341 -8.84 -18.21 -49.73
CA ASN A 341 -8.29 -16.89 -50.01
C ASN A 341 -8.54 -16.51 -51.47
N VAL A 342 -9.31 -15.43 -51.67
CA VAL A 342 -9.53 -14.84 -52.97
C VAL A 342 -9.40 -13.32 -52.83
N LEU A 343 -9.58 -12.63 -53.95
CA LEU A 343 -9.34 -11.19 -53.98
C LEU A 343 -10.38 -10.42 -53.18
N ASP A 344 -11.66 -10.74 -53.37
CA ASP A 344 -12.76 -9.97 -52.83
C ASP A 344 -13.21 -10.57 -51.50
N THR A 345 -13.31 -9.72 -50.47
CA THR A 345 -13.72 -10.18 -49.14
C THR A 345 -15.13 -10.75 -49.17
N VAL A 346 -16.01 -10.18 -49.99
CA VAL A 346 -17.34 -10.75 -50.17
C VAL A 346 -17.25 -12.14 -50.76
N ASP A 347 -16.40 -12.31 -51.78
CA ASP A 347 -16.20 -13.64 -52.33
C ASP A 347 -15.53 -14.56 -51.32
N MET A 348 -14.67 -14.01 -50.45
CA MET A 348 -14.07 -14.81 -49.39
C MET A 348 -15.12 -15.34 -48.42
N VAL A 349 -16.04 -14.49 -47.98
CA VAL A 349 -17.07 -14.94 -47.04
C VAL A 349 -18.05 -15.87 -47.74
N ASP A 350 -18.22 -15.70 -49.06
CA ASP A 350 -18.97 -16.70 -49.82
C ASP A 350 -18.29 -18.05 -49.76
N CYS A 351 -16.97 -18.08 -49.95
CA CYS A 351 -16.23 -19.33 -49.86
C CYS A 351 -16.36 -19.95 -48.48
N LEU A 352 -16.29 -19.11 -47.43
CA LEU A 352 -16.53 -19.62 -46.08
C LEU A 352 -17.96 -20.17 -45.93
N ARG A 353 -18.93 -19.54 -46.61
CA ARG A 353 -20.28 -20.07 -46.62
C ARG A 353 -20.33 -21.46 -47.24
N GLN A 354 -19.55 -21.69 -48.30
CA GLN A 354 -19.60 -22.98 -48.97
C GLN A 354 -19.04 -24.10 -48.10
N LYS A 355 -18.14 -23.78 -47.18
CA LYS A 355 -17.45 -24.83 -46.45
C LYS A 355 -18.35 -25.45 -45.39
N SER A 356 -17.93 -26.62 -44.91
CA SER A 356 -18.67 -27.32 -43.87
C SER A 356 -18.50 -26.62 -42.53
N ALA A 357 -19.50 -26.79 -41.66
CA ALA A 357 -19.49 -26.12 -40.37
C ALA A 357 -18.37 -26.63 -39.47
N LYS A 358 -18.11 -27.93 -39.49
CA LYS A 358 -17.18 -28.53 -38.52
C LYS A 358 -15.76 -28.00 -38.72
N GLU A 359 -15.29 -27.91 -39.97
CA GLU A 359 -13.92 -27.50 -40.21
C GLU A 359 -13.66 -26.09 -39.67
N LEU A 360 -14.61 -25.18 -39.89
CA LEU A 360 -14.45 -23.82 -39.37
C LEU A 360 -14.23 -23.83 -37.87
N VAL A 361 -14.82 -24.82 -37.18
CA VAL A 361 -14.58 -24.95 -35.74
C VAL A 361 -13.21 -25.54 -35.46
N GLU A 362 -12.83 -26.58 -36.21
CA GLU A 362 -11.67 -27.36 -35.81
C GLU A 362 -10.35 -26.62 -35.98
N GLN A 363 -10.33 -25.56 -36.79
CA GLN A 363 -9.09 -24.82 -37.03
C GLN A 363 -8.55 -24.23 -35.74
N ASP A 364 -7.24 -24.42 -35.50
CA ASP A 364 -6.59 -23.78 -34.36
C ASP A 364 -6.09 -22.41 -34.82
N ILE A 365 -6.54 -21.38 -34.12
CA ILE A 365 -6.08 -20.02 -34.32
C ILE A 365 -5.79 -19.48 -32.92
N GLN A 366 -4.55 -19.54 -32.50
CA GLN A 366 -4.30 -19.10 -31.13
C GLN A 366 -4.00 -17.61 -31.12
N PRO A 367 -4.81 -16.81 -30.45
CA PRO A 367 -4.58 -15.36 -30.41
C PRO A 367 -3.47 -15.03 -29.40
N ALA A 368 -3.26 -13.74 -29.20
CA ALA A 368 -2.30 -13.32 -28.18
C ALA A 368 -2.77 -13.78 -26.81
N ARG A 369 -1.80 -14.09 -25.95
CA ARG A 369 -2.13 -14.52 -24.60
C ARG A 369 -2.98 -13.46 -23.91
N TYR A 370 -4.04 -13.91 -23.23
CA TYR A 370 -5.02 -13.05 -22.58
C TYR A 370 -5.80 -12.19 -23.57
N HIS A 371 -5.81 -12.55 -24.84
CA HIS A 371 -6.63 -11.95 -25.86
C HIS A 371 -7.51 -13.03 -26.50
N VAL A 372 -8.42 -12.61 -27.38
CA VAL A 372 -9.32 -13.53 -28.05
C VAL A 372 -9.10 -13.42 -29.55
N ALA A 373 -9.34 -14.53 -30.26
CA ALA A 373 -9.17 -14.53 -31.71
C ALA A 373 -10.45 -14.14 -32.42
N PHE A 374 -11.57 -14.76 -32.06
CA PHE A 374 -12.87 -14.47 -32.66
C PHE A 374 -13.80 -13.95 -31.58
N GLY A 375 -14.31 -12.74 -31.78
CA GLY A 375 -15.18 -12.11 -30.82
C GLY A 375 -15.83 -10.86 -31.37
N PRO A 376 -16.54 -10.14 -30.51
CA PRO A 376 -17.15 -8.88 -30.93
C PRO A 376 -16.11 -7.88 -31.40
N VAL A 377 -16.48 -7.08 -32.39
CA VAL A 377 -15.60 -6.07 -32.96
C VAL A 377 -16.33 -4.74 -32.96
N ILE A 378 -15.55 -3.67 -33.14
CA ILE A 378 -16.11 -2.31 -33.22
C ILE A 378 -16.62 -2.15 -34.65
N ASP A 379 -17.92 -2.40 -34.82
CA ASP A 379 -18.53 -2.44 -36.14
C ASP A 379 -19.12 -1.10 -36.58
N GLY A 380 -19.45 -0.23 -35.65
CA GLY A 380 -20.14 1.00 -35.98
C GLY A 380 -21.65 0.89 -36.01
N ASP A 381 -22.20 -0.33 -35.94
CA ASP A 381 -23.64 -0.53 -35.96
C ASP A 381 -24.14 -1.04 -34.62
N VAL A 382 -23.59 -2.16 -34.17
CA VAL A 382 -23.99 -2.72 -32.87
C VAL A 382 -23.18 -2.07 -31.76
N ILE A 383 -21.87 -1.96 -31.94
CA ILE A 383 -21.01 -1.20 -31.04
C ILE A 383 -20.36 -0.07 -31.84
N PRO A 384 -20.98 1.11 -31.89
CA PRO A 384 -20.41 2.21 -32.68
C PRO A 384 -18.97 2.56 -32.33
N ASP A 385 -18.58 2.52 -31.06
CA ASP A 385 -17.28 3.04 -30.65
C ASP A 385 -16.72 2.16 -29.54
N ASP A 386 -15.59 2.59 -28.99
CA ASP A 386 -14.94 1.84 -27.93
C ASP A 386 -15.84 1.80 -26.69
N PRO A 387 -15.83 0.71 -25.92
CA PRO A 387 -16.81 0.58 -24.83
C PRO A 387 -16.76 1.70 -23.81
N GLU A 388 -15.57 2.16 -23.41
CA GLU A 388 -15.50 3.21 -22.40
C GLU A 388 -16.10 4.51 -22.92
N ILE A 389 -16.03 4.74 -24.23
CA ILE A 389 -16.64 5.93 -24.81
C ILE A 389 -18.16 5.90 -24.65
N LEU A 390 -18.77 4.74 -24.94
CA LEU A 390 -20.20 4.61 -24.75
C LEU A 390 -20.56 4.69 -23.27
N MET A 391 -19.69 4.17 -22.40
CA MET A 391 -19.95 4.25 -20.96
C MET A 391 -20.00 5.70 -20.49
N GLU A 392 -19.00 6.50 -20.87
CA GLU A 392 -18.99 7.89 -20.45
C GLU A 392 -20.08 8.70 -21.14
N GLN A 393 -20.47 8.29 -22.34
CA GLN A 393 -21.54 8.99 -23.05
C GLN A 393 -22.86 8.91 -22.30
N GLY A 394 -23.15 7.79 -21.65
CA GLY A 394 -24.36 7.65 -20.87
C GLY A 394 -25.45 6.80 -21.49
N GLU A 395 -25.09 5.70 -22.17
CA GLU A 395 -26.09 4.84 -22.77
C GLU A 395 -26.79 3.96 -21.72
N PHE A 396 -26.02 3.42 -20.78
CA PHE A 396 -26.50 2.36 -19.91
C PHE A 396 -26.97 2.87 -18.55
N LEU A 397 -27.09 4.18 -18.39
CA LEU A 397 -27.59 4.72 -17.13
C LEU A 397 -29.09 4.47 -16.93
N ASN A 398 -29.78 4.02 -17.97
CA ASN A 398 -31.22 3.76 -17.88
C ASN A 398 -31.53 2.37 -17.33
N TYR A 399 -30.52 1.57 -17.03
CA TYR A 399 -30.71 0.21 -16.54
C TYR A 399 -30.23 0.12 -15.09
N ASP A 400 -30.95 -0.67 -14.30
CA ASP A 400 -30.50 -0.97 -12.95
C ASP A 400 -29.50 -2.13 -12.99
N ILE A 401 -28.30 -1.89 -12.48
CA ILE A 401 -27.18 -2.82 -12.61
C ILE A 401 -26.77 -3.30 -11.23
N MET A 402 -26.64 -4.61 -11.08
CA MET A 402 -25.94 -5.21 -9.96
C MET A 402 -24.81 -6.06 -10.52
N LEU A 403 -23.62 -5.91 -9.93
CA LEU A 403 -22.42 -6.56 -10.45
C LEU A 403 -21.50 -6.89 -9.30
N GLY A 404 -20.54 -7.77 -9.55
CA GLY A 404 -19.63 -8.17 -8.49
C GLY A 404 -18.50 -9.00 -9.02
N VAL A 405 -17.61 -9.36 -8.09
CA VAL A 405 -16.41 -10.13 -8.40
C VAL A 405 -16.27 -11.24 -7.36
N ASN A 406 -15.28 -12.10 -7.58
CA ASN A 406 -14.95 -13.18 -6.65
C ASN A 406 -13.52 -13.02 -6.13
N GLN A 407 -13.22 -13.74 -5.05
CA GLN A 407 -11.94 -13.58 -4.38
C GLN A 407 -10.77 -14.02 -5.26
N GLY A 408 -10.84 -15.24 -5.79
CA GLY A 408 -9.69 -15.83 -6.46
C GLY A 408 -9.90 -16.15 -7.93
N GLU A 409 -10.54 -15.24 -8.66
CA GLU A 409 -10.88 -15.48 -10.06
C GLU A 409 -9.68 -15.95 -10.87
N GLY A 410 -8.55 -15.29 -10.71
CA GLY A 410 -7.38 -15.59 -11.53
C GLY A 410 -6.60 -16.79 -11.04
N LEU A 411 -7.30 -17.87 -10.70
CA LEU A 411 -6.67 -19.07 -10.19
C LEU A 411 -5.67 -19.67 -11.18
N LYS A 412 -6.08 -19.79 -12.44
CA LYS A 412 -5.24 -20.43 -13.44
C LYS A 412 -3.97 -19.64 -13.75
N PHE A 413 -3.91 -18.37 -13.37
CA PHE A 413 -2.72 -17.57 -13.63
C PHE A 413 -1.50 -18.08 -12.88
N VAL A 414 -1.71 -18.83 -11.79
CA VAL A 414 -0.62 -19.28 -10.93
C VAL A 414 -0.54 -20.79 -10.80
N GLU A 415 -1.59 -21.53 -11.14
CA GLU A 415 -1.65 -22.96 -10.83
C GLU A 415 -0.50 -23.73 -11.46
N GLY A 416 0.00 -23.28 -12.61
CA GLY A 416 1.05 -24.02 -13.28
C GLY A 416 2.38 -23.98 -12.57
N VAL A 417 2.57 -23.03 -11.65
CA VAL A 417 3.85 -22.81 -11.00
C VAL A 417 3.83 -23.18 -9.53
N VAL A 418 2.68 -23.53 -8.97
CA VAL A 418 2.57 -23.82 -7.55
C VAL A 418 3.28 -25.14 -7.24
N ASP A 419 4.19 -25.10 -6.28
CA ASP A 419 4.90 -26.29 -5.84
C ASP A 419 4.03 -27.11 -4.90
N PRO A 420 4.40 -28.38 -4.64
CA PRO A 420 3.65 -29.17 -3.66
C PRO A 420 3.65 -28.56 -2.27
N GLU A 421 4.56 -27.64 -1.97
CA GLU A 421 4.54 -26.93 -0.70
C GLU A 421 3.57 -25.74 -0.70
N ASP A 422 2.76 -25.60 -1.76
CA ASP A 422 1.76 -24.53 -1.86
C ASP A 422 2.38 -23.15 -1.88
N GLY A 423 3.63 -23.04 -2.36
CA GLY A 423 4.34 -21.79 -2.38
C GLY A 423 4.87 -21.46 -3.76
N VAL A 424 5.51 -20.30 -3.85
CA VAL A 424 6.09 -19.81 -5.09
C VAL A 424 7.47 -19.26 -4.79
N SER A 425 8.45 -19.62 -5.63
CA SER A 425 9.79 -19.09 -5.47
C SER A 425 9.86 -17.64 -5.97
N GLY A 426 10.82 -16.89 -5.44
CA GLY A 426 11.02 -15.53 -5.89
C GLY A 426 11.36 -15.46 -7.37
N THR A 427 12.15 -16.43 -7.85
CA THR A 427 12.42 -16.51 -9.28
C THR A 427 11.13 -16.74 -10.06
N ASP A 428 10.27 -17.63 -9.56
CA ASP A 428 8.99 -17.86 -10.22
C ASP A 428 8.12 -16.61 -10.20
N PHE A 429 8.10 -15.89 -9.08
CA PHE A 429 7.32 -14.67 -8.99
C PHE A 429 7.80 -13.64 -10.01
N ASP A 430 9.11 -13.43 -10.06
CA ASP A 430 9.66 -12.46 -11.01
C ASP A 430 9.36 -12.90 -12.44
N TYR A 431 9.54 -14.19 -12.74
CA TYR A 431 9.29 -14.70 -14.07
C TYR A 431 7.84 -14.46 -14.49
N SER A 432 6.89 -14.82 -13.62
CA SER A 432 5.48 -14.67 -13.95
C SER A 432 5.12 -13.20 -14.12
N VAL A 433 5.61 -12.33 -13.23
CA VAL A 433 5.27 -10.91 -13.33
C VAL A 433 5.83 -10.31 -14.62
N SER A 434 7.07 -10.65 -14.95
CA SER A 434 7.66 -10.14 -16.19
C SER A 434 6.91 -10.66 -17.40
N ASN A 435 6.51 -11.94 -17.37
CA ASN A 435 5.73 -12.49 -18.48
C ASN A 435 4.39 -11.79 -18.63
N PHE A 436 3.75 -11.48 -17.49
CA PHE A 436 2.48 -10.75 -17.53
C PHE A 436 2.67 -9.36 -18.16
N VAL A 437 3.74 -8.67 -17.77
CA VAL A 437 4.03 -7.37 -18.36
C VAL A 437 4.26 -7.49 -19.85
N ASP A 438 5.02 -8.51 -20.26
CA ASP A 438 5.30 -8.72 -21.68
C ASP A 438 4.01 -8.96 -22.46
N ASN A 439 3.16 -9.85 -21.95
CA ASN A 439 1.94 -10.19 -22.67
C ASN A 439 1.00 -9.00 -22.76
N LEU A 440 0.85 -8.24 -21.68
CA LEU A 440 -0.18 -7.20 -21.68
C LEU A 440 0.31 -5.91 -22.35
N TYR A 441 1.52 -5.44 -22.03
CA TYR A 441 1.93 -4.11 -22.46
C TYR A 441 2.89 -4.10 -23.64
N GLY A 442 3.39 -5.26 -24.06
CA GLY A 442 4.09 -5.39 -25.31
C GLY A 442 5.35 -4.56 -25.47
N TYR A 443 6.19 -4.51 -24.45
CA TYR A 443 7.48 -3.85 -24.49
C TYR A 443 7.40 -2.38 -24.89
N PRO A 444 6.80 -1.53 -24.06
CA PRO A 444 6.76 -0.09 -24.34
C PRO A 444 7.99 0.60 -23.74
N GLU A 445 8.03 1.92 -23.89
CA GLU A 445 9.08 2.70 -23.26
C GLU A 445 8.83 2.79 -21.76
N GLY A 446 9.87 2.51 -20.97
CA GLY A 446 9.73 2.49 -19.53
C GLY A 446 9.20 1.19 -18.96
N LYS A 447 9.31 0.09 -19.70
CA LYS A 447 8.82 -1.20 -19.22
C LYS A 447 9.55 -1.63 -17.96
N ASP A 448 10.85 -1.35 -17.89
CA ASP A 448 11.65 -1.78 -16.76
C ASP A 448 11.17 -1.17 -15.46
N THR A 449 10.86 0.13 -15.47
CA THR A 449 10.36 0.80 -14.27
C THR A 449 8.99 0.27 -13.87
N LEU A 450 8.10 0.07 -14.84
CA LEU A 450 6.77 -0.41 -14.53
C LEU A 450 6.80 -1.82 -13.96
N ARG A 451 7.70 -2.66 -14.47
CA ARG A 451 7.82 -4.01 -13.94
C ARG A 451 8.22 -3.98 -12.47
N GLU A 452 9.20 -3.15 -12.11
CA GLU A 452 9.60 -3.05 -10.72
C GLU A 452 8.48 -2.49 -9.85
N THR A 453 7.75 -1.50 -10.36
CA THR A 453 6.63 -0.97 -9.59
C THR A 453 5.58 -2.03 -9.32
N ILE A 454 5.26 -2.83 -10.34
CA ILE A 454 4.26 -3.88 -10.18
C ILE A 454 4.75 -4.94 -9.19
N LYS A 455 6.05 -5.27 -9.26
CA LYS A 455 6.61 -6.22 -8.31
C LYS A 455 6.50 -5.69 -6.88
N PHE A 456 6.82 -4.41 -6.68
CA PHE A 456 6.74 -3.83 -5.34
C PHE A 456 5.31 -3.82 -4.83
N MET A 457 4.36 -3.44 -5.67
CA MET A 457 3.00 -3.21 -5.21
C MET A 457 2.32 -4.49 -4.75
N TYR A 458 2.67 -5.63 -5.35
CA TYR A 458 2.04 -6.90 -5.01
C TYR A 458 2.97 -7.81 -4.21
N THR A 459 3.85 -7.21 -3.41
CA THR A 459 4.71 -7.95 -2.50
C THR A 459 4.33 -7.60 -1.07
N ASP A 460 4.06 -8.62 -0.25
CA ASP A 460 3.71 -8.41 1.14
C ASP A 460 5.00 -8.21 1.92
N TRP A 461 5.34 -6.94 2.18
CA TRP A 461 6.59 -6.61 2.84
C TRP A 461 6.58 -6.89 4.33
N ALA A 462 5.44 -7.22 4.92
CA ALA A 462 5.40 -7.70 6.28
C ALA A 462 5.77 -9.16 6.40
N ASP A 463 5.66 -9.93 5.32
CA ASP A 463 5.99 -11.35 5.31
C ASP A 463 6.78 -11.71 4.06
N ARG A 464 7.82 -10.94 3.76
CA ARG A 464 8.48 -11.00 2.45
C ARG A 464 8.92 -12.42 2.10
N ASP A 465 9.49 -13.15 3.04
CA ASP A 465 10.11 -14.43 2.72
C ASP A 465 9.11 -15.56 2.53
N ASN A 466 7.89 -15.42 3.05
CA ASN A 466 6.89 -16.48 2.99
C ASN A 466 6.46 -16.76 1.54
N PRO A 467 6.46 -18.03 1.11
CA PRO A 467 6.02 -18.33 -0.26
C PRO A 467 4.51 -18.42 -0.41
N GLU A 468 3.78 -18.78 0.65
CA GLU A 468 2.33 -18.93 0.53
C GLU A 468 1.67 -17.59 0.25
N THR A 469 2.04 -16.56 1.01
CA THR A 469 1.56 -15.23 0.72
C THR A 469 2.01 -14.77 -0.65
N ARG A 470 3.16 -15.24 -1.12
CA ARG A 470 3.59 -14.93 -2.47
C ARG A 470 2.61 -15.52 -3.49
N ARG A 471 2.15 -16.75 -3.25
CA ARG A 471 1.14 -17.34 -4.13
C ARG A 471 -0.15 -16.54 -4.09
N LYS A 472 -0.56 -16.12 -2.89
CA LYS A 472 -1.77 -15.33 -2.76
C LYS A 472 -1.68 -14.03 -3.54
N THR A 473 -0.53 -13.34 -3.43
CA THR A 473 -0.36 -12.08 -4.12
C THR A 473 -0.29 -12.29 -5.64
N LEU A 474 0.33 -13.38 -6.08
CA LEU A 474 0.36 -13.67 -7.51
C LEU A 474 -1.03 -13.93 -8.05
N VAL A 475 -1.88 -14.59 -7.26
CA VAL A 475 -3.28 -14.72 -7.64
C VAL A 475 -3.94 -13.35 -7.71
N ALA A 476 -3.73 -12.53 -6.69
CA ALA A 476 -4.44 -11.26 -6.57
C ALA A 476 -4.07 -10.32 -7.70
N LEU A 477 -2.84 -10.41 -8.20
CA LEU A 477 -2.44 -9.55 -9.31
C LEU A 477 -3.35 -9.72 -10.51
N PHE A 478 -3.47 -10.96 -10.98
CA PHE A 478 -4.34 -11.25 -12.13
C PHE A 478 -5.79 -10.97 -11.79
N THR A 479 -6.22 -11.33 -10.58
CA THR A 479 -7.62 -11.12 -10.21
C THR A 479 -7.99 -9.65 -10.25
N ASP A 480 -7.11 -8.79 -9.74
CA ASP A 480 -7.39 -7.35 -9.75
C ASP A 480 -7.33 -6.78 -11.16
N HIS A 481 -6.28 -7.12 -11.92
CA HIS A 481 -6.12 -6.46 -13.22
C HIS A 481 -7.19 -6.90 -14.21
N GLN A 482 -7.60 -8.17 -14.17
CA GLN A 482 -8.51 -8.67 -15.19
C GLN A 482 -9.97 -8.51 -14.81
N TRP A 483 -10.32 -8.58 -13.53
CA TRP A 483 -11.72 -8.59 -13.13
C TRP A 483 -12.12 -7.39 -12.28
N VAL A 484 -11.40 -7.11 -11.20
CA VAL A 484 -11.89 -6.14 -10.21
C VAL A 484 -11.86 -4.74 -10.77
N GLU A 485 -10.75 -4.35 -11.41
CA GLU A 485 -10.62 -2.98 -11.88
C GLU A 485 -11.64 -2.62 -12.96
N PRO A 486 -11.83 -3.40 -14.02
CA PRO A 486 -12.87 -3.03 -15.01
C PRO A 486 -14.26 -2.99 -14.42
N SER A 487 -14.59 -3.90 -13.51
CA SER A 487 -15.91 -3.90 -12.91
C SER A 487 -16.12 -2.67 -12.04
N VAL A 488 -15.09 -2.27 -11.28
CA VAL A 488 -15.21 -1.10 -10.43
C VAL A 488 -15.32 0.16 -11.29
N VAL A 489 -14.57 0.22 -12.40
CA VAL A 489 -14.70 1.34 -13.31
C VAL A 489 -16.11 1.40 -13.87
N THR A 490 -16.67 0.24 -14.22
CA THR A 490 -18.05 0.19 -14.72
C THR A 490 -19.03 0.73 -13.68
N ALA A 491 -18.87 0.28 -12.44
CA ALA A 491 -19.78 0.72 -11.38
C ALA A 491 -19.67 2.22 -11.15
N ASP A 492 -18.44 2.75 -11.17
CA ASP A 492 -18.25 4.19 -11.00
C ASP A 492 -18.89 4.96 -12.15
N LEU A 493 -18.76 4.45 -13.37
CA LEU A 493 -19.34 5.13 -14.51
C LEU A 493 -20.86 5.02 -14.53
N HIS A 494 -21.42 4.04 -13.82
CA HIS A 494 -22.87 3.93 -13.79
C HIS A 494 -23.51 4.84 -12.75
N ALA A 495 -23.05 4.78 -11.51
CA ALA A 495 -23.63 5.57 -10.42
C ALA A 495 -23.12 7.01 -10.43
N ARG A 496 -22.55 7.47 -11.54
CA ARG A 496 -22.02 8.83 -11.61
C ARG A 496 -23.12 9.86 -11.40
N TYR A 497 -24.30 9.63 -12.00
CA TYR A 497 -25.42 10.56 -11.88
C TYR A 497 -26.54 10.02 -11.00
N GLY A 498 -26.25 9.00 -10.18
CA GLY A 498 -27.22 8.51 -9.22
C GLY A 498 -28.10 7.37 -9.69
N SER A 499 -27.84 6.81 -10.86
CA SER A 499 -28.61 5.65 -11.30
C SER A 499 -28.32 4.47 -10.38
N PRO A 500 -29.34 3.70 -9.99
CA PRO A 500 -29.13 2.66 -8.97
C PRO A 500 -28.12 1.61 -9.42
N THR A 501 -27.13 1.37 -8.58
CA THR A 501 -26.07 0.41 -8.85
C THR A 501 -25.78 -0.38 -7.59
N TYR A 502 -25.41 -1.64 -7.76
CA TYR A 502 -25.08 -2.49 -6.62
C TYR A 502 -23.82 -3.28 -6.92
N PHE A 503 -22.96 -3.43 -5.92
CA PHE A 503 -21.68 -4.09 -6.07
C PHE A 503 -21.52 -5.16 -4.99
N TYR A 504 -20.98 -6.30 -5.38
CA TYR A 504 -20.81 -7.40 -4.44
C TYR A 504 -19.48 -8.11 -4.66
N ALA A 505 -18.97 -8.70 -3.58
CA ALA A 505 -17.77 -9.52 -3.62
C ALA A 505 -18.09 -10.86 -2.98
N PHE A 506 -17.85 -11.93 -3.72
CA PHE A 506 -18.13 -13.28 -3.26
C PHE A 506 -16.90 -13.82 -2.54
N TYR A 507 -17.05 -14.13 -1.25
CA TYR A 507 -15.95 -14.58 -0.42
C TYR A 507 -16.15 -16.02 0.05
N HIS A 508 -16.87 -16.82 -0.71
CA HIS A 508 -17.14 -18.19 -0.32
C HIS A 508 -17.23 -19.08 -1.54
N HIS A 509 -17.01 -20.37 -1.33
CA HIS A 509 -17.13 -21.37 -2.39
C HIS A 509 -17.30 -22.74 -1.75
N CYS A 510 -17.76 -23.69 -2.56
CA CYS A 510 -17.92 -25.07 -2.11
C CYS A 510 -16.56 -25.69 -1.84
N GLN A 511 -16.59 -26.83 -1.16
CA GLN A 511 -15.39 -27.67 -1.02
C GLN A 511 -15.55 -28.89 -1.92
N SER A 512 -14.52 -29.16 -2.73
CA SER A 512 -14.59 -30.21 -3.74
C SER A 512 -13.20 -30.48 -4.27
N LEU A 513 -13.10 -31.52 -5.09
CA LEU A 513 -11.83 -31.94 -5.67
C LEU A 513 -11.52 -31.27 -7.00
N MET A 514 -12.48 -30.55 -7.57
CA MET A 514 -12.24 -29.86 -8.83
C MET A 514 -11.22 -28.74 -8.68
N LYS A 515 -11.07 -28.20 -7.47
CA LYS A 515 -10.22 -27.06 -7.20
C LYS A 515 -9.35 -27.38 -6.00
N PRO A 516 -8.09 -26.93 -6.01
CA PRO A 516 -7.20 -27.23 -4.88
C PRO A 516 -7.71 -26.59 -3.59
N ALA A 517 -7.39 -27.22 -2.47
CA ALA A 517 -7.93 -26.81 -1.18
C ALA A 517 -7.48 -25.42 -0.76
N TRP A 518 -6.30 -24.97 -1.19
CA TRP A 518 -5.80 -23.68 -0.74
C TRP A 518 -6.44 -22.50 -1.45
N SER A 519 -7.26 -22.74 -2.47
CA SER A 519 -7.79 -21.68 -3.29
C SER A 519 -9.04 -21.07 -2.68
N ASP A 520 -9.26 -19.79 -2.97
CA ASP A 520 -10.49 -19.11 -2.62
C ASP A 520 -11.51 -19.30 -3.75
N ALA A 521 -12.60 -18.55 -3.70
CA ALA A 521 -13.59 -18.62 -4.77
C ALA A 521 -12.98 -18.16 -6.09
N ALA A 522 -12.81 -19.10 -7.00
CA ALA A 522 -12.20 -18.83 -8.30
C ALA A 522 -13.26 -18.47 -9.32
N HIS A 523 -12.86 -18.42 -10.58
CA HIS A 523 -13.79 -18.11 -11.66
C HIS A 523 -14.82 -19.22 -11.81
N GLY A 524 -16.09 -18.86 -11.67
CA GLY A 524 -17.17 -19.81 -11.84
C GLY A 524 -17.62 -20.53 -10.60
N ASP A 525 -17.12 -20.16 -9.42
CA ASP A 525 -17.60 -20.79 -8.19
C ASP A 525 -18.85 -20.12 -7.63
N GLU A 526 -19.34 -19.04 -8.25
CA GLU A 526 -20.53 -18.39 -7.75
C GLU A 526 -21.80 -18.86 -8.44
N VAL A 527 -21.68 -19.43 -9.65
CA VAL A 527 -22.87 -19.90 -10.37
C VAL A 527 -23.64 -21.00 -9.64
N PRO A 528 -23.01 -21.94 -8.92
CA PRO A 528 -23.82 -22.95 -8.25
C PRO A 528 -24.82 -22.39 -7.26
N TYR A 529 -24.45 -21.34 -6.52
CA TYR A 529 -25.34 -20.80 -5.50
C TYR A 529 -26.50 -20.03 -6.10
N VAL A 530 -26.27 -19.26 -7.18
CA VAL A 530 -27.35 -18.45 -7.75
C VAL A 530 -28.43 -19.35 -8.34
N PHE A 531 -28.03 -20.48 -8.92
CA PHE A 531 -28.97 -21.44 -9.46
C PHE A 531 -29.39 -22.50 -8.45
N GLY A 532 -28.91 -22.40 -7.21
CA GLY A 532 -29.45 -23.18 -6.11
C GLY A 532 -29.27 -24.68 -6.20
N VAL A 533 -28.14 -25.15 -6.75
CA VAL A 533 -27.83 -26.58 -6.69
C VAL A 533 -27.68 -27.09 -5.26
N PRO A 534 -27.22 -26.29 -4.27
CA PRO A 534 -27.12 -26.86 -2.92
C PRO A 534 -28.41 -27.44 -2.39
N MET A 535 -29.58 -26.95 -2.81
CA MET A 535 -30.81 -27.57 -2.35
C MET A 535 -30.95 -28.99 -2.89
N VAL A 536 -30.49 -29.24 -4.10
CA VAL A 536 -30.51 -30.58 -4.69
C VAL A 536 -29.38 -31.45 -4.15
N GLY A 537 -28.23 -30.88 -3.84
CA GLY A 537 -27.07 -31.64 -3.47
C GLY A 537 -26.12 -31.81 -4.64
N PRO A 538 -25.08 -32.61 -4.45
CA PRO A 538 -24.06 -32.77 -5.50
C PRO A 538 -24.66 -33.29 -6.80
N THR A 539 -24.16 -32.76 -7.92
CA THR A 539 -24.58 -33.17 -9.25
C THR A 539 -23.35 -33.47 -10.10
N ASP A 540 -23.61 -33.89 -11.35
CA ASP A 540 -22.52 -34.21 -12.26
C ASP A 540 -21.62 -33.01 -12.52
N LEU A 541 -22.20 -31.83 -12.65
CA LEU A 541 -21.43 -30.64 -12.99
C LEU A 541 -20.87 -29.92 -11.78
N PHE A 542 -21.40 -30.20 -10.58
CA PHE A 542 -20.87 -29.65 -9.34
C PHE A 542 -20.83 -30.75 -8.29
N PRO A 543 -19.82 -31.64 -8.34
CA PRO A 543 -19.73 -32.71 -7.33
C PRO A 543 -19.42 -32.23 -5.91
N CYS A 544 -19.45 -30.92 -5.67
CA CYS A 544 -19.11 -30.37 -4.36
C CYS A 544 -19.86 -31.10 -3.25
N ASN A 545 -19.24 -31.16 -2.07
CA ASN A 545 -19.86 -31.75 -0.89
C ASN A 545 -20.53 -30.62 -0.11
N PHE A 546 -21.80 -30.38 -0.43
CA PHE A 546 -22.52 -29.25 0.14
C PHE A 546 -22.92 -29.52 1.57
N SER A 547 -22.70 -28.53 2.44
CA SER A 547 -23.15 -28.57 3.82
C SER A 547 -24.40 -27.70 3.98
N LYS A 548 -24.86 -27.55 5.22
CA LYS A 548 -26.02 -26.71 5.49
C LYS A 548 -25.74 -25.25 5.23
N ASN A 549 -24.54 -24.78 5.59
CA ASN A 549 -24.18 -23.38 5.35
C ASN A 549 -24.25 -23.06 3.87
N ASP A 550 -23.88 -24.02 3.01
CA ASP A 550 -24.00 -23.81 1.57
C ASP A 550 -25.46 -23.56 1.18
N VAL A 551 -26.38 -24.36 1.72
CA VAL A 551 -27.79 -24.17 1.41
C VAL A 551 -28.27 -22.81 1.89
N MET A 552 -27.89 -22.42 3.10
CA MET A 552 -28.32 -21.14 3.63
C MET A 552 -27.82 -19.99 2.75
N LEU A 553 -26.52 -19.98 2.42
CA LEU A 553 -25.98 -18.89 1.63
C LEU A 553 -26.57 -18.88 0.23
N SER A 554 -26.82 -20.05 -0.35
CA SER A 554 -27.48 -20.11 -1.65
C SER A 554 -28.86 -19.51 -1.58
N ALA A 555 -29.61 -19.81 -0.52
CA ALA A 555 -30.94 -19.22 -0.36
C ALA A 555 -30.85 -17.71 -0.27
N VAL A 556 -29.90 -17.20 0.51
CA VAL A 556 -29.77 -15.75 0.66
C VAL A 556 -29.45 -15.10 -0.69
N VAL A 557 -28.50 -15.66 -1.43
CA VAL A 557 -28.06 -15.00 -2.65
C VAL A 557 -29.15 -15.06 -3.72
N MET A 558 -29.85 -16.19 -3.83
CA MET A 558 -30.94 -16.25 -4.80
C MET A 558 -32.08 -15.33 -4.39
N THR A 559 -32.30 -15.18 -3.08
CA THR A 559 -33.31 -14.23 -2.62
C THR A 559 -32.94 -12.82 -3.06
N TYR A 560 -31.68 -12.43 -2.88
CA TYR A 560 -31.24 -11.10 -3.30
C TYR A 560 -31.42 -10.92 -4.81
N TRP A 561 -31.01 -11.92 -5.58
CA TRP A 561 -31.12 -11.84 -7.04
C TRP A 561 -32.58 -11.67 -7.47
N THR A 562 -33.46 -12.52 -6.94
CA THR A 562 -34.87 -12.44 -7.30
C THR A 562 -35.49 -11.12 -6.86
N ASN A 563 -35.13 -10.63 -5.66
CA ASN A 563 -35.67 -9.36 -5.21
C ASN A 563 -35.28 -8.23 -6.14
N PHE A 564 -34.00 -8.20 -6.55
CA PHE A 564 -33.57 -7.18 -7.50
C PHE A 564 -34.34 -7.29 -8.80
N ALA A 565 -34.55 -8.52 -9.28
CA ALA A 565 -35.31 -8.70 -10.52
C ALA A 565 -36.73 -8.16 -10.39
N LYS A 566 -37.37 -8.44 -9.26
CA LYS A 566 -38.77 -8.04 -9.09
C LYS A 566 -38.90 -6.52 -8.97
N THR A 567 -38.07 -5.89 -8.13
CA THR A 567 -38.27 -4.49 -7.80
C THR A 567 -37.15 -3.56 -8.23
N GLY A 568 -35.98 -4.08 -8.59
CA GLY A 568 -34.82 -3.23 -8.69
C GLY A 568 -34.16 -2.93 -7.36
N ASP A 569 -34.61 -3.58 -6.29
CA ASP A 569 -34.01 -3.44 -4.97
C ASP A 569 -33.66 -4.83 -4.47
N PRO A 570 -32.40 -5.11 -4.16
CA PRO A 570 -32.06 -6.41 -3.56
C PRO A 570 -32.73 -6.65 -2.22
N ASN A 571 -33.16 -5.60 -1.53
CA ASN A 571 -33.75 -5.74 -0.21
C ASN A 571 -35.27 -5.85 -0.23
N LYS A 572 -35.91 -5.58 -1.36
CA LYS A 572 -37.36 -5.59 -1.40
C LYS A 572 -37.88 -6.56 -2.46
N PRO A 573 -39.03 -7.19 -2.23
CA PRO A 573 -39.91 -7.08 -1.06
C PRO A 573 -39.66 -8.16 0.00
N VAL A 574 -38.92 -9.21 -0.31
CA VAL A 574 -38.75 -10.33 0.60
C VAL A 574 -37.54 -10.11 1.49
N PRO A 575 -37.72 -10.03 2.80
CA PRO A 575 -36.58 -9.81 3.70
C PRO A 575 -35.78 -11.08 3.94
N GLN A 576 -34.53 -10.89 4.34
CA GLN A 576 -33.66 -12.01 4.69
C GLN A 576 -34.07 -12.57 6.05
N ASP A 577 -34.12 -13.89 6.14
CA ASP A 577 -34.57 -14.54 7.36
C ASP A 577 -33.53 -15.53 7.88
N VAL A 591 -28.99 -7.83 7.32
CA VAL A 591 -28.16 -6.89 6.60
C VAL A 591 -28.89 -6.37 5.37
N ALA A 592 -28.74 -5.07 5.09
CA ALA A 592 -29.37 -4.43 3.96
C ALA A 592 -28.31 -4.02 2.95
N TRP A 593 -28.52 -4.38 1.68
CA TRP A 593 -27.56 -4.06 0.63
C TRP A 593 -27.74 -2.61 0.22
N SER A 594 -26.80 -1.76 0.62
CA SER A 594 -26.88 -0.34 0.31
C SER A 594 -26.49 -0.07 -1.14
N LYS A 595 -26.91 1.08 -1.64
CA LYS A 595 -26.58 1.47 -3.00
C LYS A 595 -25.11 1.88 -3.11
N TYR A 596 -24.54 1.68 -4.29
CA TYR A 596 -23.16 2.04 -4.57
C TYR A 596 -23.13 3.41 -5.21
N ASN A 597 -22.23 4.27 -4.73
CA ASN A 597 -22.00 5.59 -5.29
C ASN A 597 -20.51 5.87 -5.34
N PRO A 598 -20.07 6.74 -6.26
CA PRO A 598 -18.63 6.97 -6.42
C PRO A 598 -17.96 7.56 -5.20
N ARG A 599 -18.73 8.13 -4.26
CA ARG A 599 -18.13 8.76 -3.10
C ARG A 599 -18.06 7.83 -1.91
N ASP A 600 -19.08 6.98 -1.72
CA ASP A 600 -19.08 6.09 -0.57
C ASP A 600 -18.54 4.72 -0.91
N GLN A 601 -18.74 4.27 -2.15
CA GLN A 601 -18.22 2.99 -2.64
C GLN A 601 -18.68 1.82 -1.76
N LEU A 602 -19.96 1.83 -1.42
CA LEU A 602 -20.51 0.82 -0.52
C LEU A 602 -20.77 -0.48 -1.28
N TYR A 603 -20.34 -1.60 -0.70
CA TYR A 603 -20.50 -2.91 -1.31
C TYR A 603 -20.89 -3.93 -0.24
N LEU A 604 -21.36 -5.07 -0.71
CA LEU A 604 -21.82 -6.16 0.13
C LEU A 604 -20.81 -7.29 0.11
N HIS A 605 -20.49 -7.83 1.28
CA HIS A 605 -19.56 -8.96 1.41
C HIS A 605 -20.39 -10.23 1.49
N ILE A 606 -20.65 -10.85 0.34
CA ILE A 606 -21.45 -12.06 0.27
C ILE A 606 -20.58 -13.23 0.72
N GLY A 607 -21.08 -13.97 1.71
CA GLY A 607 -20.38 -15.13 2.22
C GLY A 607 -21.12 -15.68 3.41
N LEU A 608 -20.47 -16.61 4.11
CA LEU A 608 -21.05 -17.13 5.34
C LEU A 608 -21.17 -16.08 6.43
N LYS A 609 -20.47 -14.95 6.29
CA LYS A 609 -20.58 -13.80 7.18
C LYS A 609 -20.87 -12.57 6.31
N PRO A 610 -22.15 -12.30 6.02
CA PRO A 610 -22.48 -11.15 5.18
C PRO A 610 -22.46 -9.85 5.98
N ARG A 611 -22.11 -8.76 5.29
CA ARG A 611 -22.00 -7.45 5.92
C ARG A 611 -21.81 -6.40 4.83
N VAL A 612 -21.77 -5.15 5.25
CA VAL A 612 -21.54 -4.03 4.34
C VAL A 612 -20.17 -3.44 4.59
N ARG A 613 -19.43 -3.16 3.52
CA ARG A 613 -18.13 -2.52 3.62
C ARG A 613 -18.04 -1.43 2.56
N ASP A 614 -16.88 -0.79 2.48
CA ASP A 614 -16.68 0.30 1.53
C ASP A 614 -15.29 0.19 0.91
N HIS A 615 -15.18 0.68 -0.33
CA HIS A 615 -13.91 0.79 -1.04
C HIS A 615 -13.21 -0.56 -1.14
N TYR A 616 -13.86 -1.48 -1.86
CA TYR A 616 -13.28 -2.80 -2.09
C TYR A 616 -11.96 -2.70 -2.83
N ARG A 617 -10.86 -2.97 -2.12
CA ARG A 617 -9.50 -2.91 -2.69
C ARG A 617 -9.27 -1.61 -3.44
N ALA A 618 -9.61 -0.50 -2.80
CA ALA A 618 -9.50 0.80 -3.45
C ALA A 618 -8.06 1.13 -3.83
N THR A 619 -7.10 0.68 -3.01
CA THR A 619 -5.70 0.99 -3.28
C THR A 619 -5.25 0.39 -4.61
N LYS A 620 -5.45 -0.91 -4.80
CA LYS A 620 -5.03 -1.55 -6.03
C LYS A 620 -5.83 -1.04 -7.23
N VAL A 621 -7.11 -0.74 -7.01
CA VAL A 621 -7.94 -0.19 -8.08
C VAL A 621 -7.39 1.14 -8.55
N ALA A 622 -7.01 2.01 -7.61
CA ALA A 622 -6.41 3.29 -7.97
C ALA A 622 -5.05 3.09 -8.62
N PHE A 623 -4.28 2.11 -8.13
CA PHE A 623 -2.96 1.85 -8.70
C PHE A 623 -3.07 1.48 -10.17
N TRP A 624 -4.01 0.58 -10.50
CA TRP A 624 -4.19 0.19 -11.89
C TRP A 624 -4.83 1.31 -12.70
N LYS A 625 -5.75 2.05 -12.10
CA LYS A 625 -6.51 3.07 -12.83
C LYS A 625 -5.69 4.33 -13.08
N HIS A 626 -4.84 4.72 -12.14
CA HIS A 626 -4.16 6.01 -12.20
C HIS A 626 -2.67 5.91 -12.44
N LEU A 627 -1.94 5.16 -11.61
CA LEU A 627 -0.49 5.21 -11.66
C LEU A 627 0.07 4.49 -12.88
N VAL A 628 -0.54 3.35 -13.23
CA VAL A 628 -0.03 2.57 -14.36
C VAL A 628 -0.05 3.36 -15.66
N PRO A 629 -1.12 4.10 -16.02
CA PRO A 629 -1.04 4.93 -17.24
C PRO A 629 0.11 5.93 -17.22
N HIS A 630 0.40 6.51 -16.07
CA HIS A 630 1.45 7.53 -16.01
C HIS A 630 2.84 6.90 -15.98
N LEU A 631 2.93 5.63 -15.61
CA LEU A 631 4.23 4.98 -15.44
C LEU A 631 4.98 4.87 -16.77
N TYR A 632 4.25 4.62 -17.85
CA TYR A 632 4.87 4.49 -19.16
C TYR A 632 4.18 5.43 -20.16
N ASN A 633 5.00 6.17 -20.90
CA ASN A 633 4.50 7.10 -21.93
C ASN A 633 3.38 7.99 -21.41
N ALA B 41 29.09 19.44 51.70
CA ALA B 41 30.16 19.77 50.77
C ALA B 41 30.56 18.55 49.95
N PRO B 42 29.82 18.28 48.87
CA PRO B 42 30.16 17.13 48.03
C PRO B 42 31.47 17.41 47.31
N THR B 43 32.50 16.60 47.59
CA THR B 43 33.83 16.78 47.01
C THR B 43 34.26 15.50 46.30
N VAL B 44 34.97 15.65 45.19
CA VAL B 44 35.48 14.54 44.40
C VAL B 44 36.91 14.84 43.97
N ASN B 45 37.79 13.86 44.14
CA ASN B 45 39.15 13.92 43.62
C ASN B 45 39.22 13.23 42.26
N THR B 46 39.87 13.90 41.31
CA THR B 46 40.04 13.38 39.95
C THR B 46 41.52 13.46 39.58
N HIS B 47 41.84 12.85 38.43
CA HIS B 47 43.21 12.83 37.92
C HIS B 47 43.81 14.21 37.75
N PHE B 48 43.01 15.28 37.87
CA PHE B 48 43.50 16.63 37.73
C PHE B 48 43.30 17.49 38.97
N GLY B 49 42.66 16.98 40.01
CA GLY B 49 42.48 17.76 41.22
C GLY B 49 41.15 17.54 41.93
N LYS B 50 40.91 18.29 43.00
CA LYS B 50 39.66 18.16 43.74
C LYS B 50 38.66 19.22 43.30
N LEU B 51 37.38 18.87 43.36
CA LEU B 51 36.32 19.81 43.02
C LEU B 51 35.10 19.55 43.91
N ARG B 52 34.36 20.62 44.21
CA ARG B 52 33.20 20.54 45.09
C ARG B 52 31.95 20.94 44.33
N GLY B 53 30.94 20.08 44.36
CA GLY B 53 29.64 20.34 43.81
C GLY B 53 28.65 20.66 44.91
N ALA B 54 27.38 20.46 44.61
CA ALA B 54 26.31 20.71 45.57
C ALA B 54 25.33 19.54 45.56
N ARG B 55 24.84 19.19 46.75
CA ARG B 55 23.78 18.19 46.88
C ARG B 55 22.44 18.91 46.81
N VAL B 56 21.60 18.50 45.87
CA VAL B 56 20.31 19.13 45.62
C VAL B 56 19.23 18.07 45.89
N PRO B 57 18.18 18.39 46.63
CA PRO B 57 17.08 17.44 46.79
C PRO B 57 15.98 17.68 45.76
N LEU B 58 15.42 16.60 45.24
CA LEU B 58 14.35 16.73 44.27
C LEU B 58 13.05 17.13 44.97
N PRO B 59 12.18 17.89 44.28
CA PRO B 59 10.96 18.38 44.95
C PRO B 59 10.05 17.28 45.47
N SER B 60 10.01 16.15 44.78
CA SER B 60 9.15 15.04 45.20
C SER B 60 9.84 14.19 46.25
N GLU B 61 9.07 13.72 47.22
CA GLU B 61 9.63 12.95 48.34
C GLU B 61 10.23 11.63 47.87
N ILE B 62 9.60 10.98 46.89
CA ILE B 62 9.93 9.58 46.59
C ILE B 62 11.39 9.43 46.19
N LEU B 63 11.88 10.28 45.30
CA LEU B 63 13.29 10.22 44.92
C LEU B 63 14.13 11.04 45.88
N GLY B 64 15.31 10.51 46.23
CA GLY B 64 16.23 11.15 47.12
C GLY B 64 17.08 12.19 46.42
N PRO B 65 17.91 12.91 47.18
CA PRO B 65 18.74 13.97 46.59
C PRO B 65 19.84 13.38 45.72
N VAL B 66 20.40 14.26 44.88
CA VAL B 66 21.51 13.89 44.01
C VAL B 66 22.62 14.93 44.17
N ASP B 67 23.85 14.48 43.99
CA ASP B 67 25.01 15.34 44.10
C ASP B 67 25.46 15.74 42.69
N GLN B 68 25.45 17.03 42.40
CA GLN B 68 25.77 17.54 41.07
C GLN B 68 27.03 18.39 41.13
N TYR B 69 27.96 18.10 40.23
CA TYR B 69 29.20 18.84 40.07
C TYR B 69 29.12 19.54 38.72
N LEU B 70 29.09 20.86 38.73
CA LEU B 70 28.68 21.63 37.58
C LEU B 70 29.85 22.39 36.97
N GLY B 71 30.09 22.16 35.69
CA GLY B 71 31.12 22.90 34.97
C GLY B 71 32.52 22.37 35.15
N VAL B 72 32.70 21.06 35.00
CA VAL B 72 34.03 20.46 35.09
C VAL B 72 34.70 20.53 33.73
N PRO B 73 35.86 21.16 33.62
CA PRO B 73 36.54 21.26 32.31
C PRO B 73 37.16 19.92 31.93
N TYR B 74 36.89 19.48 30.70
CA TYR B 74 37.41 18.22 30.20
C TYR B 74 38.54 18.39 29.20
N ALA B 75 38.82 19.61 28.75
CA ALA B 75 39.86 19.83 27.75
C ALA B 75 40.41 21.24 27.90
N ALA B 76 41.58 21.44 27.30
CA ALA B 76 42.20 22.76 27.31
C ALA B 76 41.37 23.72 26.47
N PRO B 77 41.36 25.01 26.79
CA PRO B 77 40.49 25.97 26.07
C PRO B 77 40.81 25.99 24.58
N PRO B 78 39.89 25.78 23.71
CA PRO B 78 40.16 25.80 22.25
C PRO B 78 40.20 27.22 21.70
N ILE B 79 41.19 27.98 22.15
CA ILE B 79 41.26 29.41 21.88
C ILE B 79 42.63 29.74 21.32
N GLY B 80 42.68 30.84 20.57
CA GLY B 80 43.93 31.23 19.94
C GLY B 80 44.36 30.21 18.90
N GLU B 81 45.54 29.64 19.10
CA GLU B 81 46.06 28.65 18.17
C GLU B 81 45.29 27.34 18.21
N LYS B 82 44.74 26.96 19.37
CA LYS B 82 44.01 25.70 19.47
C LYS B 82 42.74 25.72 18.62
N ARG B 83 42.34 26.90 18.14
CA ARG B 83 41.17 26.99 17.28
C ARG B 83 41.37 26.14 16.03
N PHE B 84 40.32 25.38 15.69
CA PHE B 84 40.33 24.48 14.54
C PHE B 84 41.41 23.41 14.65
N LEU B 85 41.68 22.99 15.88
CA LEU B 85 42.61 21.91 16.20
C LEU B 85 41.92 20.88 17.08
N PRO B 86 42.39 19.64 17.07
CA PRO B 86 41.82 18.65 17.97
C PRO B 86 42.01 19.06 19.42
N PRO B 87 41.07 18.70 20.28
CA PRO B 87 41.16 19.10 21.69
C PRO B 87 42.36 18.45 22.38
N GLU B 88 42.83 19.10 23.43
CA GLU B 88 43.99 18.69 24.20
C GLU B 88 43.64 18.60 25.68
N PRO B 89 44.43 17.86 26.46
CA PRO B 89 44.08 17.66 27.86
C PRO B 89 44.00 18.99 28.60
N PRO B 90 43.08 19.12 29.55
CA PRO B 90 42.96 20.37 30.30
C PRO B 90 44.08 20.48 31.32
N PRO B 91 44.54 21.68 31.61
CA PRO B 91 45.54 21.86 32.66
C PRO B 91 44.97 21.57 34.04
N SER B 92 45.86 21.18 34.95
CA SER B 92 45.46 20.87 36.31
C SER B 92 45.27 22.15 37.12
N TRP B 93 44.36 22.08 38.09
CA TRP B 93 44.13 23.17 39.03
C TRP B 93 44.55 22.71 40.42
N SER B 94 45.30 23.57 41.11
CA SER B 94 45.94 23.17 42.36
C SER B 94 44.96 23.01 43.51
N GLY B 95 44.04 23.95 43.68
CA GLY B 95 43.12 23.96 44.80
C GLY B 95 41.89 23.11 44.56
N ILE B 96 40.83 23.45 45.29
CA ILE B 96 39.55 22.78 45.13
C ILE B 96 38.64 23.67 44.28
N ARG B 97 38.25 23.17 43.11
CA ARG B 97 37.47 23.94 42.16
C ARG B 97 36.01 23.94 42.54
N ASN B 98 35.40 25.13 42.56
CA ASN B 98 33.98 25.23 42.84
C ASN B 98 33.21 24.86 41.57
N ALA B 99 32.34 23.86 41.70
CA ALA B 99 31.58 23.35 40.56
C ALA B 99 30.08 23.50 40.76
N THR B 100 29.61 24.69 41.15
CA THR B 100 28.21 24.84 41.49
C THR B 100 27.39 25.54 40.40
N HIS B 101 28.03 26.38 39.58
CA HIS B 101 27.30 27.21 38.63
C HIS B 101 27.61 26.80 37.19
N PHE B 102 26.98 27.50 36.25
CA PHE B 102 27.08 27.14 34.84
C PHE B 102 28.10 28.02 34.13
N PRO B 103 29.20 27.46 33.65
CA PRO B 103 30.11 28.21 32.78
C PRO B 103 29.41 28.74 31.55
N PRO B 104 29.99 29.77 30.92
CA PRO B 104 29.42 30.27 29.65
C PRO B 104 29.43 29.19 28.58
N VAL B 105 28.42 29.26 27.71
CA VAL B 105 28.26 28.32 26.61
C VAL B 105 29.17 28.73 25.45
N CYS B 106 29.29 27.85 24.46
CA CYS B 106 30.11 28.14 23.29
C CYS B 106 29.45 29.26 22.49
N PRO B 107 30.20 29.95 21.62
CA PRO B 107 29.60 31.02 20.82
C PRO B 107 28.51 30.53 19.89
N GLN B 108 27.27 31.00 20.11
CA GLN B 108 26.14 30.63 19.28
C GLN B 108 25.12 31.76 19.36
N ASN B 109 24.22 31.79 18.36
CA ASN B 109 23.22 32.85 18.26
C ASN B 109 21.90 32.23 17.84
N ILE B 110 20.88 32.33 18.69
CA ILE B 110 19.58 31.76 18.37
C ILE B 110 18.78 32.68 17.44
N HIS B 111 19.05 33.98 17.49
CA HIS B 111 18.32 34.92 16.64
C HIS B 111 18.73 34.78 15.19
N THR B 112 19.98 34.39 14.94
CA THR B 112 20.43 34.14 13.58
C THR B 112 19.61 33.03 12.94
N ALA B 113 19.30 33.19 11.66
CA ALA B 113 18.43 32.24 10.97
C ALA B 113 19.09 30.87 10.87
N VAL B 114 18.30 29.83 11.19
CA VAL B 114 18.75 28.45 11.12
C VAL B 114 17.63 27.60 10.56
N PRO B 115 17.96 26.44 10.00
CA PRO B 115 16.90 25.53 9.52
C PRO B 115 15.96 25.18 10.66
N GLU B 116 14.73 25.68 10.56
CA GLU B 116 13.80 25.62 11.68
C GLU B 116 13.25 24.20 11.86
N VAL B 117 13.15 23.44 10.76
CA VAL B 117 12.57 22.11 10.83
C VAL B 117 13.42 21.18 11.68
N MET B 118 14.72 21.43 11.75
CA MET B 118 15.62 20.55 12.49
C MET B 118 15.46 20.70 13.99
N LEU B 119 15.32 21.92 14.46
CA LEU B 119 15.29 22.20 15.89
C LEU B 119 14.04 21.60 16.55
N PRO B 120 14.16 21.13 17.78
CA PRO B 120 12.99 20.56 18.48
C PRO B 120 11.95 21.62 18.78
N VAL B 121 10.69 21.17 18.92
CA VAL B 121 9.58 22.10 19.11
C VAL B 121 9.75 22.89 20.41
N TRP B 122 10.15 22.21 21.49
CA TRP B 122 10.27 22.89 22.77
C TRP B 122 11.36 23.96 22.74
N PHE B 123 12.25 23.89 21.74
CA PHE B 123 13.32 24.88 21.60
C PHE B 123 12.82 26.14 20.92
N THR B 124 12.28 25.99 19.71
CA THR B 124 11.77 27.15 18.99
C THR B 124 10.59 27.80 19.70
N ALA B 125 9.69 26.99 20.26
CA ALA B 125 8.52 27.56 20.93
C ALA B 125 8.89 28.35 22.18
N ASN B 126 9.99 28.02 22.84
CA ASN B 126 10.39 28.66 24.09
C ASN B 126 11.76 29.32 23.95
N LEU B 127 12.07 29.75 22.74
CA LEU B 127 13.23 30.62 22.51
C LEU B 127 13.42 31.70 23.58
N ASP B 128 12.32 32.24 24.11
CA ASP B 128 12.45 33.27 25.14
C ASP B 128 13.17 32.73 26.38
N ILE B 129 12.75 31.56 26.87
CA ILE B 129 13.44 30.93 27.98
C ILE B 129 14.84 30.51 27.56
N VAL B 130 14.97 30.06 26.31
CA VAL B 130 16.27 29.64 25.77
C VAL B 130 17.27 30.79 25.87
N ALA B 131 16.80 32.02 25.70
CA ALA B 131 17.67 33.19 25.76
C ALA B 131 18.32 33.33 27.13
N THR B 132 17.62 32.97 28.20
CA THR B 132 18.21 33.07 29.53
C THR B 132 19.41 32.15 29.68
N TYR B 133 19.31 30.93 29.16
CA TYR B 133 20.46 30.02 29.20
C TYR B 133 21.55 30.43 28.22
N ILE B 134 21.18 30.96 27.06
CA ILE B 134 22.15 31.19 25.99
C ILE B 134 22.89 32.52 26.12
N GLN B 135 22.51 33.35 27.08
CA GLN B 135 23.16 34.64 27.23
C GLN B 135 24.63 34.47 27.63
N GLU B 136 25.46 35.40 27.18
CA GLU B 136 26.90 35.44 27.47
C GLU B 136 27.61 34.19 26.97
N PRO B 137 27.65 33.95 25.66
CA PRO B 137 28.43 32.82 25.15
C PRO B 137 29.91 33.14 25.10
N ASN B 138 30.74 32.13 25.32
CA ASN B 138 32.18 32.30 25.32
C ASN B 138 32.87 31.14 24.62
N GLU B 139 34.04 31.45 24.02
CA GLU B 139 34.84 30.46 23.34
C GLU B 139 35.39 29.40 24.29
N ASP B 140 35.81 29.79 25.49
CA ASP B 140 36.25 28.83 26.50
C ASP B 140 35.00 28.18 27.07
N CYS B 141 34.60 27.05 26.46
CA CYS B 141 33.32 26.46 26.81
C CYS B 141 33.40 24.94 27.07
N LEU B 142 34.57 24.32 26.91
CA LEU B 142 34.68 22.86 27.00
C LEU B 142 34.59 22.45 28.46
N TYR B 143 33.35 22.21 28.90
CA TYR B 143 33.06 21.79 30.27
C TYR B 143 31.94 20.76 30.26
N LEU B 144 31.77 20.09 31.39
CA LEU B 144 30.70 19.11 31.56
C LEU B 144 30.19 19.15 32.99
N ASN B 145 28.99 18.62 33.18
CA ASN B 145 28.32 18.56 34.47
C ASN B 145 27.95 17.12 34.79
N VAL B 146 28.00 16.77 36.07
CA VAL B 146 27.79 15.40 36.53
C VAL B 146 26.68 15.41 37.59
N TYR B 147 25.81 14.40 37.54
CA TYR B 147 24.78 14.17 38.55
C TYR B 147 24.90 12.73 39.03
N VAL B 148 25.05 12.55 40.34
CA VAL B 148 25.34 11.26 40.94
C VAL B 148 24.27 10.96 41.97
N PRO B 149 23.69 9.76 41.96
CA PRO B 149 22.74 9.39 43.02
C PRO B 149 23.43 9.27 44.36
N THR B 150 22.66 9.53 45.41
CA THR B 150 23.16 9.44 46.78
C THR B 150 22.84 8.07 47.39
N GLY B 198 27.09 -0.98 44.33
CA GLY B 198 28.44 -0.85 43.78
C GLY B 198 28.60 0.22 42.73
N ALA B 199 29.52 0.01 41.79
CA ALA B 199 29.74 0.98 40.72
C ALA B 199 28.51 1.10 39.83
N LYS B 200 28.12 2.42 39.44
CA LYS B 200 26.83 2.53 38.60
C LYS B 200 27.09 2.55 37.05
N PRO B 201 26.28 2.14 35.97
CA PRO B 201 26.50 2.70 34.70
C PRO B 201 26.62 4.24 34.71
N VAL B 202 27.22 4.72 33.62
CA VAL B 202 27.41 6.13 33.32
C VAL B 202 26.72 6.45 32.01
N MET B 203 25.72 7.33 32.06
CA MET B 203 25.08 7.89 30.89
C MET B 203 25.78 9.20 30.56
N VAL B 204 26.07 9.43 29.28
CA VAL B 204 26.59 10.71 28.81
C VAL B 204 25.64 11.20 27.73
N TYR B 205 25.09 12.40 27.93
CA TYR B 205 24.11 12.93 26.99
C TYR B 205 24.72 14.03 26.15
N ILE B 206 24.59 13.88 24.83
CA ILE B 206 25.08 14.86 23.86
C ILE B 206 23.86 15.61 23.33
N HIS B 207 23.79 16.89 23.64
CA HIS B 207 22.74 17.75 23.14
C HIS B 207 22.97 18.07 21.67
N GLY B 208 21.99 18.72 21.05
CA GLY B 208 22.19 19.35 19.77
C GLY B 208 20.90 19.82 19.14
N GLY B 209 20.88 21.06 18.63
CA GLY B 209 19.73 21.49 17.86
C GLY B 209 19.90 21.37 16.36
N SER B 210 20.92 22.07 15.82
CA SER B 210 21.09 22.09 14.37
C SER B 210 22.55 22.07 13.95
N TYR B 211 23.48 21.69 14.83
CA TYR B 211 24.92 21.82 14.68
C TYR B 211 25.33 23.29 14.70
N MET B 212 24.40 24.23 14.86
CA MET B 212 24.70 25.65 14.98
C MET B 212 24.59 26.15 16.41
N GLU B 213 23.50 25.84 17.10
CA GLU B 213 23.26 26.25 18.48
C GLU B 213 23.12 25.02 19.35
N GLY B 214 22.79 25.25 20.62
CA GLY B 214 22.52 24.19 21.56
C GLY B 214 23.49 24.19 22.73
N THR B 215 23.09 23.52 23.80
CA THR B 215 23.93 23.33 24.97
C THR B 215 23.30 22.27 25.86
N GLY B 216 24.15 21.54 26.59
CA GLY B 216 23.68 20.63 27.60
C GLY B 216 23.22 21.31 28.87
N ASN B 217 23.41 22.62 28.94
CA ASN B 217 23.00 23.37 30.13
C ASN B 217 21.50 23.39 30.30
N MET B 218 20.76 23.13 29.22
CA MET B 218 19.31 23.19 29.26
C MET B 218 18.74 22.12 30.20
N ILE B 219 19.28 20.91 30.16
CA ILE B 219 18.65 19.75 30.78
C ILE B 219 19.27 19.50 32.14
N ASP B 220 18.44 19.09 33.10
CA ASP B 220 18.89 18.70 34.43
C ASP B 220 18.83 17.19 34.51
N GLY B 221 19.98 16.56 34.74
CA GLY B 221 20.05 15.11 34.84
C GLY B 221 19.74 14.54 36.20
N SER B 222 19.18 15.35 37.10
CA SER B 222 18.97 14.93 38.48
C SER B 222 17.93 13.82 38.59
N ILE B 223 16.81 13.98 37.89
CA ILE B 223 15.64 13.15 38.17
C ILE B 223 15.86 11.70 37.75
N LEU B 224 16.39 11.48 36.55
CA LEU B 224 16.65 10.11 36.11
C LEU B 224 17.81 9.51 36.88
N ALA B 225 18.77 10.35 37.26
CA ALA B 225 19.85 9.88 38.14
C ALA B 225 19.28 9.34 39.44
N SER B 226 18.34 10.07 40.04
CA SER B 226 17.77 9.63 41.30
C SER B 226 16.89 8.39 41.12
N TYR B 227 16.02 8.37 40.11
CA TYR B 227 15.10 7.25 39.97
C TYR B 227 15.84 5.98 39.57
N GLY B 228 16.69 6.07 38.56
CA GLY B 228 17.37 4.90 38.05
C GLY B 228 18.66 4.55 38.74
N ASN B 229 19.13 5.39 39.66
CA ASN B 229 20.39 5.17 40.35
C ASN B 229 21.54 5.06 39.35
N VAL B 230 21.65 6.05 38.48
CA VAL B 230 22.65 6.08 37.41
C VAL B 230 23.37 7.42 37.47
N ILE B 231 24.65 7.40 37.12
CA ILE B 231 25.43 8.63 37.03
C ILE B 231 25.24 9.23 35.65
N VAL B 232 24.79 10.47 35.60
CA VAL B 232 24.44 11.15 34.35
C VAL B 232 25.43 12.28 34.14
N ILE B 233 25.81 12.51 32.88
CA ILE B 233 26.72 13.59 32.54
C ILE B 233 26.13 14.36 31.37
N THR B 234 26.15 15.69 31.46
CA THR B 234 25.80 16.56 30.35
C THR B 234 27.06 17.30 29.92
N LEU B 235 27.10 17.71 28.67
CA LEU B 235 28.34 18.14 28.04
C LEU B 235 28.07 19.29 27.07
N ASN B 236 29.02 20.21 27.01
CA ASN B 236 28.99 21.30 26.03
C ASN B 236 30.24 21.21 25.17
N TYR B 237 30.04 21.12 23.85
CA TYR B 237 31.11 20.93 22.90
C TYR B 237 31.12 22.08 21.91
N ARG B 238 32.25 22.24 21.21
CA ARG B 238 32.38 23.30 20.21
C ARG B 238 31.32 23.12 19.14
N VAL B 239 30.71 24.22 18.73
CA VAL B 239 29.56 24.20 17.82
C VAL B 239 29.75 25.31 16.79
N GLY B 240 29.05 25.17 15.67
CA GLY B 240 29.06 26.21 14.66
C GLY B 240 30.33 26.17 13.83
N VAL B 241 30.78 27.35 13.42
CA VAL B 241 31.97 27.46 12.59
C VAL B 241 33.19 26.96 13.34
N LEU B 242 33.33 27.34 14.61
CA LEU B 242 34.48 26.90 15.40
C LEU B 242 34.46 25.40 15.60
N GLY B 243 33.30 24.76 15.44
CA GLY B 243 33.19 23.34 15.72
C GLY B 243 33.22 22.45 14.48
N PHE B 244 32.86 22.98 13.32
CA PHE B 244 32.69 22.14 12.14
C PHE B 244 33.19 22.77 10.85
N LEU B 245 33.99 23.82 10.90
CA LEU B 245 34.55 24.38 9.67
C LEU B 245 35.55 23.41 9.05
N SER B 246 35.47 23.26 7.73
CA SER B 246 36.34 22.35 6.99
C SER B 246 36.78 23.00 5.69
N THR B 247 38.07 22.87 5.38
CA THR B 247 38.60 23.31 4.10
C THR B 247 38.80 22.16 3.12
N GLY B 248 38.40 20.94 3.49
CA GLY B 248 38.58 19.79 2.63
C GLY B 248 39.99 19.25 2.58
N ASP B 249 40.89 19.78 3.40
CA ASP B 249 42.28 19.33 3.39
C ASP B 249 42.90 19.47 4.76
N GLN B 250 44.23 19.40 4.84
CA GLN B 250 44.93 19.43 6.12
C GLN B 250 44.87 20.80 6.79
N ALA B 251 44.53 21.86 6.06
CA ALA B 251 44.40 23.17 6.69
C ALA B 251 43.27 23.18 7.71
N ALA B 252 42.13 22.58 7.36
CA ALA B 252 41.01 22.45 8.30
C ALA B 252 40.27 21.16 7.98
N LYS B 253 40.62 20.10 8.71
CA LYS B 253 39.93 18.82 8.50
C LYS B 253 38.49 18.90 8.99
N GLY B 254 38.24 19.64 10.06
CA GLY B 254 36.91 19.76 10.60
C GLY B 254 36.55 18.63 11.55
N ASN B 255 35.25 18.42 11.68
CA ASN B 255 34.68 17.42 12.58
C ASN B 255 35.12 17.63 14.03
N TYR B 256 35.29 18.90 14.42
CA TYR B 256 35.88 19.19 15.72
C TYR B 256 34.93 18.90 16.87
N GLY B 257 33.61 19.04 16.66
CA GLY B 257 32.66 18.68 17.69
C GLY B 257 32.76 17.23 18.07
N LEU B 258 32.89 16.35 17.09
CA LEU B 258 33.09 14.94 17.37
C LEU B 258 34.37 14.73 18.17
N LEU B 259 35.43 15.50 17.86
CA LEU B 259 36.67 15.37 18.60
C LEU B 259 36.50 15.78 20.05
N ASP B 260 35.77 16.86 20.30
CA ASP B 260 35.47 17.23 21.68
C ASP B 260 34.68 16.13 22.38
N GLN B 261 33.72 15.53 21.67
CA GLN B 261 32.93 14.47 22.30
C GLN B 261 33.79 13.27 22.67
N ILE B 262 34.70 12.85 21.78
CA ILE B 262 35.55 11.70 22.11
C ILE B 262 36.53 12.07 23.22
N GLN B 263 37.03 13.31 23.22
CA GLN B 263 37.91 13.76 24.28
C GLN B 263 37.22 13.72 25.64
N ALA B 264 36.00 14.22 25.71
CA ALA B 264 35.27 14.20 26.98
C ALA B 264 34.85 12.78 27.35
N LEU B 265 34.57 11.95 26.36
CA LEU B 265 34.28 10.55 26.65
C LEU B 265 35.50 9.84 27.24
N ARG B 266 36.69 10.17 26.74
CA ARG B 266 37.92 9.67 27.33
C ARG B 266 38.08 10.17 28.75
N TRP B 267 37.78 11.45 28.98
CA TRP B 267 37.82 11.99 30.34
C TRP B 267 36.90 11.20 31.27
N VAL B 268 35.67 10.96 30.83
CA VAL B 268 34.72 10.21 31.65
C VAL B 268 35.24 8.81 31.91
N SER B 269 35.74 8.15 30.87
CA SER B 269 36.25 6.79 31.03
C SER B 269 37.37 6.74 32.06
N GLU B 270 38.28 7.72 32.02
CA GLU B 270 39.40 7.70 32.94
C GLU B 270 39.04 8.16 34.35
N ASN B 271 37.95 8.93 34.53
CA ASN B 271 37.74 9.60 35.81
C ASN B 271 36.39 9.38 36.47
N ILE B 272 35.46 8.64 35.86
CA ILE B 272 34.15 8.47 36.48
C ILE B 272 34.20 7.47 37.62
N ALA B 273 35.22 6.63 37.69
CA ALA B 273 35.37 5.73 38.83
C ALA B 273 35.56 6.51 40.12
N PHE B 274 36.08 7.74 40.03
CA PHE B 274 36.20 8.60 41.19
C PHE B 274 34.84 8.99 41.75
N PHE B 275 33.80 9.02 40.92
CA PHE B 275 32.46 9.38 41.35
C PHE B 275 31.63 8.18 41.77
N GLY B 276 32.17 6.98 41.66
CA GLY B 276 31.41 5.77 41.93
C GLY B 276 30.77 5.15 40.71
N GLY B 277 31.18 5.54 39.49
CA GLY B 277 30.60 4.98 38.29
C GLY B 277 31.31 3.74 37.81
N ASP B 278 30.72 3.11 36.80
CA ASP B 278 31.29 1.91 36.20
C ASP B 278 31.86 2.24 34.83
N PRO B 279 33.18 2.34 34.67
CA PRO B 279 33.74 2.63 33.34
C PRO B 279 33.44 1.56 32.31
N ARG B 280 33.31 0.30 32.72
CA ARG B 280 32.97 -0.75 31.78
C ARG B 280 31.52 -0.71 31.34
N ARG B 281 30.67 0.00 32.07
CA ARG B 281 29.28 0.21 31.68
C ARG B 281 29.07 1.69 31.39
N ILE B 282 29.36 2.09 30.16
CA ILE B 282 29.21 3.47 29.70
C ILE B 282 28.31 3.47 28.48
N THR B 283 27.32 4.35 28.49
CA THR B 283 26.46 4.56 27.33
C THR B 283 26.39 6.06 27.02
N VAL B 284 26.25 6.38 25.74
CA VAL B 284 26.13 7.77 25.27
C VAL B 284 24.86 7.88 24.45
N PHE B 285 24.12 8.96 24.66
CA PHE B 285 22.82 9.12 24.03
C PHE B 285 22.56 10.58 23.72
N GLY B 286 21.71 10.80 22.72
CA GLY B 286 21.33 12.15 22.32
C GLY B 286 20.07 12.12 21.50
N SER B 287 19.45 13.29 21.37
CA SER B 287 18.23 13.44 20.59
C SER B 287 18.49 14.38 19.42
N GLY B 288 17.77 14.17 18.34
CA GLY B 288 17.93 15.02 17.17
C GLY B 288 19.33 14.92 16.61
N ILE B 289 20.00 16.07 16.53
CA ILE B 289 21.35 16.13 16.00
C ILE B 289 22.34 15.40 16.90
N GLY B 290 22.13 15.46 18.21
CA GLY B 290 22.99 14.72 19.12
C GLY B 290 22.99 13.24 18.85
N ALA B 291 21.82 12.70 18.48
CA ALA B 291 21.76 11.30 18.08
C ALA B 291 22.59 11.06 16.83
N SER B 292 22.61 11.99 15.89
CA SER B 292 23.48 11.87 14.73
C SER B 292 24.94 11.86 15.14
N CYS B 293 25.31 12.71 16.11
CA CYS B 293 26.67 12.70 16.62
C CYS B 293 27.04 11.35 17.21
N VAL B 294 26.15 10.79 18.02
CA VAL B 294 26.42 9.49 18.63
C VAL B 294 26.56 8.42 17.56
N SER B 295 25.65 8.40 16.59
CA SER B 295 25.69 7.39 15.54
C SER B 295 26.97 7.50 14.73
N LEU B 296 27.43 8.72 14.50
CA LEU B 296 28.71 8.90 13.84
C LEU B 296 29.86 8.45 14.73
N LEU B 297 29.72 8.61 16.05
CA LEU B 297 30.77 8.18 16.97
C LEU B 297 30.93 6.66 16.94
N THR B 298 29.82 5.92 16.97
CA THR B 298 29.93 4.47 16.92
C THR B 298 30.59 3.99 15.63
N LEU B 299 30.58 4.82 14.59
CA LEU B 299 31.24 4.50 13.34
C LEU B 299 32.67 5.02 13.27
N SER B 300 33.16 5.62 14.35
CA SER B 300 34.47 6.25 14.37
C SER B 300 35.49 5.33 15.02
N HIS B 301 36.66 5.21 14.39
CA HIS B 301 37.73 4.41 14.96
C HIS B 301 38.24 5.02 16.25
N HIS B 302 38.20 6.35 16.37
CA HIS B 302 38.72 7.02 17.56
C HIS B 302 37.88 6.72 18.79
N SER B 303 36.64 6.29 18.60
CA SER B 303 35.73 5.99 19.71
C SER B 303 35.94 4.60 20.29
N GLU B 304 36.97 3.88 19.85
CA GLU B 304 37.11 2.48 20.23
C GLU B 304 37.42 2.34 21.73
N GLY B 305 36.64 1.49 22.40
CA GLY B 305 36.90 1.13 23.78
C GLY B 305 36.38 2.10 24.81
N LEU B 306 35.92 3.28 24.41
CA LEU B 306 35.50 4.28 25.40
C LEU B 306 34.11 3.97 25.95
N PHE B 307 33.19 3.54 25.09
CA PHE B 307 31.82 3.27 25.51
C PHE B 307 31.38 1.93 24.93
N GLN B 308 30.37 1.35 25.57
CA GLN B 308 29.90 0.01 25.23
C GLN B 308 28.48 0.01 24.67
N ARG B 309 27.60 0.85 25.20
CA ARG B 309 26.24 0.96 24.71
C ARG B 309 26.00 2.37 24.20
N ALA B 310 24.89 2.55 23.49
CA ALA B 310 24.51 3.84 22.97
C ALA B 310 23.01 3.86 22.70
N ILE B 311 22.40 5.04 22.81
CA ILE B 311 21.01 5.26 22.46
C ILE B 311 20.97 6.35 21.42
N ILE B 312 20.24 6.11 20.34
CA ILE B 312 20.15 7.04 19.21
C ILE B 312 18.68 7.39 19.04
N GLN B 313 18.29 8.58 19.49
CA GLN B 313 16.90 8.98 19.54
C GLN B 313 16.62 10.03 18.45
N SER B 314 15.72 9.68 17.53
CA SER B 314 15.22 10.61 16.52
C SER B 314 16.37 11.22 15.71
N GLY B 315 17.37 10.40 15.42
CA GLY B 315 18.51 10.86 14.66
C GLY B 315 19.23 9.70 14.03
N SER B 316 20.12 10.03 13.09
CA SER B 316 20.88 9.02 12.37
C SER B 316 22.04 9.69 11.65
N ALA B 317 22.96 8.86 11.17
CA ALA B 317 24.06 9.34 10.34
C ALA B 317 23.76 9.24 8.86
N LEU B 318 22.58 8.75 8.48
CA LEU B 318 22.20 8.60 7.08
C LEU B 318 21.23 9.66 6.60
N SER B 319 20.81 10.57 7.47
CA SER B 319 19.86 11.60 7.07
C SER B 319 20.53 12.58 6.11
N SER B 320 19.69 13.32 5.37
CA SER B 320 20.21 14.24 4.37
C SER B 320 20.96 15.41 5.01
N TRP B 321 20.67 15.72 6.27
CA TRP B 321 21.33 16.81 6.97
C TRP B 321 22.31 16.32 8.03
N ALA B 322 22.80 15.10 7.89
CA ALA B 322 23.72 14.53 8.88
C ALA B 322 25.17 14.93 8.62
N VAL B 323 25.65 14.73 7.41
CA VAL B 323 27.05 15.00 7.05
C VAL B 323 27.06 15.94 5.85
N ASN B 324 27.89 16.97 5.92
CA ASN B 324 28.00 17.95 4.86
C ASN B 324 28.93 17.41 3.77
N TYR B 325 28.41 17.30 2.56
CA TYR B 325 29.16 16.76 1.43
C TYR B 325 29.79 17.86 0.57
N GLN B 326 29.48 19.13 0.85
CA GLN B 326 30.07 20.25 0.11
C GLN B 326 30.65 21.28 1.08
N PRO B 327 31.68 20.90 1.84
CA PRO B 327 32.22 21.84 2.84
C PRO B 327 32.97 23.01 2.24
N VAL B 328 33.67 22.78 1.13
CA VAL B 328 34.53 23.82 0.57
C VAL B 328 33.70 25.02 0.12
N LYS B 329 32.52 24.77 -0.44
CA LYS B 329 31.70 25.87 -0.95
C LYS B 329 31.29 26.82 0.18
N TYR B 330 30.73 26.27 1.25
CA TYR B 330 30.28 27.13 2.35
C TYR B 330 31.44 27.71 3.13
N THR B 331 32.54 26.98 3.25
CA THR B 331 33.73 27.54 3.89
C THR B 331 34.26 28.73 3.10
N SER B 332 34.31 28.61 1.78
CA SER B 332 34.75 29.73 0.94
C SER B 332 33.76 30.88 1.02
N LEU B 333 32.46 30.58 1.09
CA LEU B 333 31.47 31.64 1.23
C LEU B 333 31.67 32.42 2.54
N LEU B 334 31.87 31.69 3.65
CA LEU B 334 32.13 32.36 4.92
C LEU B 334 33.40 33.19 4.84
N ALA B 335 34.47 32.61 4.28
CA ALA B 335 35.71 33.33 4.09
C ALA B 335 35.50 34.60 3.27
N ASP B 336 34.63 34.51 2.26
CA ASP B 336 34.29 35.67 1.45
C ASP B 336 33.63 36.76 2.27
N LYS B 337 32.64 36.38 3.09
CA LYS B 337 31.84 37.39 3.79
C LYS B 337 32.65 38.14 4.84
N VAL B 338 33.51 37.43 5.58
CA VAL B 338 34.35 38.05 6.61
C VAL B 338 35.59 38.71 6.04
N GLY B 339 35.86 38.54 4.75
CA GLY B 339 36.88 39.32 4.06
C GLY B 339 38.31 38.80 4.11
N CYS B 340 38.53 37.57 4.54
CA CYS B 340 39.74 36.88 4.11
C CYS B 340 39.33 35.65 3.31
N ASN B 341 39.06 35.87 2.01
CA ASN B 341 39.19 34.88 0.95
C ASN B 341 40.59 35.02 0.36
N VAL B 342 41.39 33.96 0.49
CA VAL B 342 42.70 33.87 -0.16
C VAL B 342 42.81 32.50 -0.81
N LEU B 343 43.77 32.36 -1.72
CA LEU B 343 43.93 31.11 -2.46
C LEU B 343 44.45 29.98 -1.57
N ASP B 344 45.32 30.32 -0.62
CA ASP B 344 45.95 29.32 0.23
C ASP B 344 45.06 29.02 1.43
N THR B 345 44.68 27.75 1.58
CA THR B 345 43.79 27.36 2.67
C THR B 345 44.42 27.60 4.03
N VAL B 346 45.72 27.29 4.16
CA VAL B 346 46.41 27.50 5.43
C VAL B 346 46.41 28.97 5.80
N ASP B 347 46.68 29.84 4.83
CA ASP B 347 46.67 31.28 5.11
C ASP B 347 45.27 31.76 5.47
N MET B 348 44.24 31.24 4.80
CA MET B 348 42.87 31.64 5.12
C MET B 348 42.47 31.20 6.53
N VAL B 349 42.87 30.01 6.97
CA VAL B 349 42.51 29.59 8.32
C VAL B 349 43.34 30.35 9.36
N ASP B 350 44.60 30.66 9.04
CA ASP B 350 45.37 31.51 9.93
C ASP B 350 44.74 32.89 10.01
N CYS B 351 44.11 33.33 8.95
CA CYS B 351 43.24 34.49 9.02
C CYS B 351 42.11 34.26 10.03
N LEU B 352 41.30 33.23 9.80
CA LEU B 352 40.06 33.03 10.54
C LEU B 352 40.30 32.77 12.02
N ARG B 353 41.53 32.42 12.40
CA ARG B 353 41.91 32.38 13.81
C ARG B 353 41.93 33.77 14.43
N GLN B 354 42.25 34.80 13.64
CA GLN B 354 42.34 36.15 14.21
C GLN B 354 40.97 36.76 14.50
N LYS B 355 39.97 36.44 13.68
CA LYS B 355 38.68 37.11 13.79
C LYS B 355 37.97 36.72 15.09
N SER B 356 37.14 37.63 15.58
CA SER B 356 36.38 37.37 16.79
C SER B 356 35.27 36.35 16.53
N ALA B 357 35.02 35.52 17.54
CA ALA B 357 34.00 34.47 17.40
C ALA B 357 32.61 35.07 17.20
N LYS B 358 32.36 36.26 17.76
CA LYS B 358 31.06 36.90 17.58
C LYS B 358 30.80 37.17 16.10
N GLU B 359 31.81 37.69 15.40
CA GLU B 359 31.67 37.93 13.98
C GLU B 359 31.41 36.63 13.23
N LEU B 360 32.12 35.57 13.60
CA LEU B 360 31.96 34.29 12.90
C LEU B 360 30.56 33.72 13.09
N VAL B 361 30.03 33.77 14.32
CA VAL B 361 28.72 33.19 14.56
C VAL B 361 27.62 34.06 13.95
N GLU B 362 27.79 35.38 14.00
CA GLU B 362 26.71 36.27 13.57
C GLU B 362 26.41 36.14 12.07
N GLN B 363 27.34 35.57 11.31
CA GLN B 363 27.13 35.44 9.87
C GLN B 363 25.95 34.54 9.56
N ASP B 364 25.25 34.84 8.46
CA ASP B 364 24.21 33.94 7.94
C ASP B 364 24.80 33.23 6.71
N ILE B 365 24.65 31.91 6.69
CA ILE B 365 25.01 31.09 5.55
C ILE B 365 23.85 30.13 5.35
N GLN B 366 23.09 30.32 4.28
CA GLN B 366 21.94 29.43 4.12
C GLN B 366 22.27 28.29 3.18
N PRO B 367 22.31 27.06 3.66
CA PRO B 367 22.62 25.91 2.81
C PRO B 367 21.39 25.53 1.99
N ALA B 368 21.54 24.43 1.25
CA ALA B 368 20.40 23.88 0.53
C ALA B 368 19.32 23.45 1.51
N ARG B 369 18.06 23.61 1.11
CA ARG B 369 16.97 23.19 1.96
C ARG B 369 17.09 21.71 2.29
N TYR B 370 16.90 21.39 3.57
CA TYR B 370 17.08 20.06 4.13
C TYR B 370 18.53 19.57 4.06
N HIS B 371 19.47 20.50 3.97
CA HIS B 371 20.91 20.22 4.06
C HIS B 371 21.50 21.10 5.15
N VAL B 372 22.79 20.89 5.44
CA VAL B 372 23.49 21.66 6.45
C VAL B 372 24.66 22.36 5.79
N ALA B 373 25.02 23.53 6.32
CA ALA B 373 26.16 24.28 5.80
C ALA B 373 27.46 23.91 6.49
N PHE B 374 27.48 23.91 7.83
CA PHE B 374 28.66 23.54 8.60
C PHE B 374 28.32 22.32 9.43
N GLY B 375 29.12 21.27 9.30
CA GLY B 375 28.89 20.03 10.00
C GLY B 375 29.99 19.02 9.76
N PRO B 376 29.75 17.79 10.17
CA PRO B 376 30.73 16.73 9.94
C PRO B 376 30.99 16.53 8.44
N VAL B 377 32.24 16.21 8.12
CA VAL B 377 32.65 15.98 6.74
C VAL B 377 33.43 14.68 6.68
N ILE B 378 33.54 14.11 5.48
CA ILE B 378 34.30 12.89 5.24
C ILE B 378 35.77 13.29 5.21
N ASP B 379 36.45 13.12 6.33
CA ASP B 379 37.83 13.59 6.49
C ASP B 379 38.87 12.54 6.19
N GLY B 380 38.51 11.27 6.23
CA GLY B 380 39.49 10.20 6.08
C GLY B 380 40.12 9.73 7.37
N ASP B 381 39.97 10.48 8.45
CA ASP B 381 40.56 10.11 9.73
C ASP B 381 39.49 9.74 10.75
N VAL B 382 38.57 10.66 11.01
CA VAL B 382 37.50 10.40 11.98
C VAL B 382 36.37 9.63 11.31
N ILE B 383 35.96 10.07 10.12
CA ILE B 383 35.04 9.30 9.28
C ILE B 383 35.76 9.01 7.97
N PRO B 384 36.48 7.89 7.87
CA PRO B 384 37.18 7.58 6.62
C PRO B 384 36.31 7.58 5.38
N ASP B 385 35.08 7.11 5.46
CA ASP B 385 34.27 6.92 4.27
C ASP B 385 32.82 7.26 4.59
N ASP B 386 31.94 7.01 3.64
CA ASP B 386 30.53 7.33 3.80
C ASP B 386 29.93 6.52 4.94
N PRO B 387 28.95 7.05 5.67
CA PRO B 387 28.42 6.33 6.84
C PRO B 387 27.92 4.93 6.52
N GLU B 388 27.18 4.75 5.42
CA GLU B 388 26.63 3.43 5.13
C GLU B 388 27.73 2.44 4.82
N ILE B 389 28.85 2.92 4.28
CA ILE B 389 29.99 2.03 4.04
C ILE B 389 30.53 1.50 5.37
N LEU B 390 30.80 2.39 6.31
CA LEU B 390 31.29 1.93 7.59
C LEU B 390 30.26 1.04 8.28
N MET B 391 28.98 1.28 8.02
CA MET B 391 27.95 0.42 8.58
C MET B 391 28.06 -1.01 8.06
N GLU B 392 28.13 -1.17 6.74
CA GLU B 392 28.12 -2.53 6.20
C GLU B 392 29.45 -3.22 6.46
N GLN B 393 30.51 -2.44 6.65
CA GLN B 393 31.80 -3.00 7.02
C GLN B 393 31.76 -3.70 8.37
N GLY B 394 31.05 -3.14 9.35
CA GLY B 394 30.90 -3.78 10.64
C GLY B 394 31.68 -3.18 11.78
N GLU B 395 31.71 -1.85 11.92
CA GLU B 395 32.38 -1.24 13.06
C GLU B 395 31.51 -1.31 14.30
N PHE B 396 30.23 -0.97 14.16
CA PHE B 396 29.35 -0.73 15.30
C PHE B 396 28.62 -1.99 15.76
N LEU B 397 28.95 -3.16 15.22
CA LEU B 397 28.31 -4.40 15.64
C LEU B 397 28.70 -4.81 17.05
N ASN B 398 29.75 -4.22 17.62
CA ASN B 398 30.22 -4.57 18.95
C ASN B 398 29.58 -3.72 20.05
N TYR B 399 28.65 -2.84 19.71
CA TYR B 399 27.97 -2.01 20.68
C TYR B 399 26.52 -2.45 20.82
N ASP B 400 25.98 -2.31 22.03
CA ASP B 400 24.55 -2.51 22.25
C ASP B 400 23.82 -1.20 21.99
N ILE B 401 22.84 -1.23 21.08
CA ILE B 401 22.19 -0.03 20.60
C ILE B 401 20.68 -0.15 20.75
N MET B 402 20.07 0.86 21.35
CA MET B 402 18.62 1.03 21.31
C MET B 402 18.32 2.35 20.62
N LEU B 403 17.32 2.35 19.75
CA LEU B 403 17.02 3.51 18.94
C LEU B 403 15.54 3.54 18.64
N GLY B 404 15.04 4.69 18.24
CA GLY B 404 13.61 4.82 18.01
C GLY B 404 13.28 6.09 17.27
N VAL B 405 12.00 6.22 16.95
CA VAL B 405 11.47 7.35 16.21
C VAL B 405 10.19 7.83 16.90
N ASN B 406 9.65 8.94 16.41
CA ASN B 406 8.37 9.46 16.86
C ASN B 406 7.39 9.52 15.68
N GLN B 407 6.10 9.42 16.01
CA GLN B 407 5.07 9.34 14.98
C GLN B 407 5.00 10.61 14.13
N GLY B 408 5.11 11.78 14.76
CA GLY B 408 4.88 13.01 14.03
C GLY B 408 6.07 13.95 13.95
N GLU B 409 7.27 13.40 13.74
CA GLU B 409 8.49 14.20 13.76
C GLU B 409 8.41 15.39 12.81
N GLY B 410 7.98 15.16 11.58
CA GLY B 410 8.03 16.18 10.56
C GLY B 410 6.89 17.18 10.59
N LEU B 411 6.52 17.63 11.79
CA LEU B 411 5.40 18.56 11.95
C LEU B 411 5.64 19.86 11.17
N LYS B 412 6.84 20.42 11.29
CA LYS B 412 7.11 21.71 10.68
C LYS B 412 7.18 21.63 9.15
N PHE B 413 7.30 20.42 8.59
CA PHE B 413 7.22 20.27 7.14
C PHE B 413 5.83 20.64 6.61
N VAL B 414 4.82 20.61 7.48
CA VAL B 414 3.45 20.91 7.07
C VAL B 414 2.84 22.06 7.85
N GLU B 415 3.44 22.49 8.96
CA GLU B 415 2.82 23.53 9.79
C GLU B 415 2.56 24.81 9.02
N GLY B 416 3.38 25.12 8.02
CA GLY B 416 3.25 26.39 7.34
C GLY B 416 2.04 26.48 6.42
N VAL B 417 1.46 25.34 6.07
CA VAL B 417 0.41 25.30 5.06
C VAL B 417 -0.96 24.95 5.65
N VAL B 418 -1.00 24.46 6.88
CA VAL B 418 -2.26 24.00 7.47
C VAL B 418 -3.21 25.18 7.62
N ASP B 419 -4.43 25.01 7.13
CA ASP B 419 -5.47 26.04 7.24
C ASP B 419 -6.17 25.95 8.59
N PRO B 420 -6.95 26.98 8.95
CA PRO B 420 -7.71 26.90 10.22
C PRO B 420 -8.69 25.74 10.28
N GLU B 421 -9.05 25.15 9.14
CA GLU B 421 -9.87 23.95 9.12
C GLU B 421 -9.08 22.69 9.48
N ASP B 422 -7.80 22.83 9.84
CA ASP B 422 -6.94 21.72 10.22
C ASP B 422 -6.73 20.72 9.07
N GLY B 423 -6.91 21.19 7.83
CA GLY B 423 -6.75 20.36 6.66
C GLY B 423 -5.80 21.00 5.66
N VAL B 424 -5.63 20.32 4.53
CA VAL B 424 -4.74 20.75 3.46
C VAL B 424 -5.46 20.58 2.13
N SER B 425 -5.39 21.60 1.27
CA SER B 425 -6.00 21.52 -0.04
C SER B 425 -5.15 20.67 -0.98
N GLY B 426 -5.81 20.13 -2.00
CA GLY B 426 -5.09 19.31 -2.98
C GLY B 426 -4.02 20.10 -3.71
N THR B 427 -4.30 21.37 -4.02
CA THR B 427 -3.29 22.22 -4.62
C THR B 427 -2.09 22.38 -3.70
N ASP B 428 -2.35 22.58 -2.41
CA ASP B 428 -1.26 22.70 -1.45
C ASP B 428 -0.49 21.40 -1.32
N PHE B 429 -1.20 20.26 -1.34
CA PHE B 429 -0.53 18.97 -1.29
C PHE B 429 0.40 18.79 -2.47
N ASP B 430 -0.09 19.09 -3.67
CA ASP B 430 0.76 18.97 -4.87
C ASP B 430 1.95 19.91 -4.77
N TYR B 431 1.72 21.16 -4.35
CA TYR B 431 2.81 22.12 -4.26
C TYR B 431 3.88 21.64 -3.29
N SER B 432 3.47 21.18 -2.11
CA SER B 432 4.43 20.73 -1.11
C SER B 432 5.21 19.51 -1.59
N VAL B 433 4.52 18.53 -2.17
CA VAL B 433 5.20 17.32 -2.62
C VAL B 433 6.19 17.65 -3.74
N SER B 434 5.78 18.50 -4.69
CA SER B 434 6.67 18.90 -5.76
C SER B 434 7.89 19.62 -5.21
N ASN B 435 7.68 20.52 -4.25
CA ASN B 435 8.82 21.24 -3.66
C ASN B 435 9.76 20.28 -2.94
N PHE B 436 9.21 19.29 -2.25
CA PHE B 436 10.04 18.31 -1.56
C PHE B 436 10.88 17.52 -2.57
N VAL B 437 10.27 17.12 -3.68
CA VAL B 437 11.03 16.41 -4.72
C VAL B 437 12.12 17.29 -5.29
N ASP B 438 11.81 18.56 -5.55
CA ASP B 438 12.81 19.48 -6.09
C ASP B 438 13.98 19.65 -5.13
N ASN B 439 13.69 19.84 -3.85
CA ASN B 439 14.75 20.05 -2.87
C ASN B 439 15.62 18.81 -2.72
N LEU B 440 14.99 17.64 -2.53
CA LEU B 440 15.77 16.44 -2.23
C LEU B 440 16.51 15.91 -3.45
N TYR B 441 15.84 15.82 -4.61
CA TYR B 441 16.41 15.08 -5.73
C TYR B 441 16.96 15.97 -6.84
N GLY B 442 16.77 17.29 -6.75
CA GLY B 442 17.47 18.23 -7.61
C GLY B 442 17.26 18.03 -9.10
N TYR B 443 16.04 17.70 -9.50
CA TYR B 443 15.65 17.64 -10.90
C TYR B 443 16.47 16.62 -11.71
N PRO B 444 16.30 15.34 -11.45
CA PRO B 444 16.96 14.31 -12.27
C PRO B 444 16.10 13.96 -13.48
N GLU B 445 16.56 12.99 -14.24
CA GLU B 445 15.75 12.45 -15.32
C GLU B 445 14.66 11.56 -14.75
N GLY B 446 13.46 11.63 -15.33
CA GLY B 446 12.33 10.88 -14.80
C GLY B 446 11.71 11.47 -13.56
N LYS B 447 11.83 12.79 -13.36
CA LYS B 447 11.33 13.40 -12.14
C LYS B 447 9.82 13.32 -12.04
N ASP B 448 9.13 13.38 -13.18
CA ASP B 448 7.67 13.38 -13.17
C ASP B 448 7.12 12.04 -12.70
N THR B 449 7.73 10.94 -13.14
CA THR B 449 7.30 9.61 -12.68
C THR B 449 7.49 9.47 -11.18
N LEU B 450 8.63 9.92 -10.67
CA LEU B 450 8.86 9.86 -9.22
C LEU B 450 7.86 10.71 -8.47
N ARG B 451 7.56 11.92 -8.98
CA ARG B 451 6.61 12.79 -8.31
C ARG B 451 5.23 12.15 -8.26
N GLU B 452 4.78 11.58 -9.38
CA GLU B 452 3.48 10.92 -9.39
C GLU B 452 3.46 9.70 -8.47
N THR B 453 4.56 8.94 -8.43
CA THR B 453 4.60 7.78 -7.55
C THR B 453 4.53 8.20 -6.08
N ILE B 454 5.26 9.26 -5.70
CA ILE B 454 5.20 9.74 -4.33
C ILE B 454 3.80 10.22 -4.00
N LYS B 455 3.16 10.93 -4.93
CA LYS B 455 1.80 11.39 -4.71
C LYS B 455 0.85 10.22 -4.50
N PHE B 456 0.98 9.17 -5.32
CA PHE B 456 0.11 8.01 -5.18
C PHE B 456 0.33 7.31 -3.85
N MET B 457 1.60 7.10 -3.47
CA MET B 457 1.89 6.23 -2.33
C MET B 457 1.43 6.83 -1.02
N TYR B 458 1.42 8.16 -0.90
CA TYR B 458 1.03 8.83 0.33
C TYR B 458 -0.35 9.44 0.25
N THR B 459 -1.22 8.88 -0.58
CA THR B 459 -2.61 9.29 -0.69
C THR B 459 -3.50 8.18 -0.16
N ASP B 460 -4.36 8.52 0.80
CA ASP B 460 -5.30 7.56 1.35
C ASP B 460 -6.48 7.44 0.40
N TRP B 461 -6.47 6.40 -0.43
CA TRP B 461 -7.51 6.21 -1.43
C TRP B 461 -8.83 5.75 -0.84
N ALA B 462 -8.87 5.39 0.44
CA ALA B 462 -10.13 5.13 1.11
C ALA B 462 -10.85 6.41 1.54
N ASP B 463 -10.11 7.50 1.71
CA ASP B 463 -10.69 8.78 2.13
C ASP B 463 -10.08 9.93 1.32
N ARG B 464 -10.05 9.77 -0.01
CA ARG B 464 -9.29 10.66 -0.86
C ARG B 464 -9.61 12.14 -0.63
N ASP B 465 -10.89 12.47 -0.47
CA ASP B 465 -11.30 13.86 -0.46
C ASP B 465 -10.99 14.58 0.87
N ASN B 466 -10.79 13.83 1.95
CA ASN B 466 -10.62 14.41 3.28
C ASN B 466 -9.35 15.25 3.37
N PRO B 467 -9.43 16.49 3.85
CA PRO B 467 -8.21 17.30 3.97
C PRO B 467 -7.38 16.98 5.20
N GLU B 468 -8.00 16.62 6.32
CA GLU B 468 -7.23 16.30 7.52
C GLU B 468 -6.35 15.08 7.29
N THR B 469 -6.88 14.07 6.59
CA THR B 469 -6.06 12.93 6.21
C THR B 469 -4.91 13.38 5.31
N ARG B 470 -5.15 14.36 4.45
CA ARG B 470 -4.07 14.90 3.64
C ARG B 470 -2.99 15.51 4.54
N ARG B 471 -3.38 16.23 5.58
CA ARG B 471 -2.41 16.79 6.51
C ARG B 471 -1.61 15.67 7.19
N LYS B 472 -2.29 14.62 7.61
CA LYS B 472 -1.62 13.52 8.29
C LYS B 472 -0.61 12.84 7.37
N THR B 473 -1.00 12.58 6.12
CA THR B 473 -0.08 11.92 5.20
C THR B 473 1.06 12.84 4.79
N LEU B 474 0.79 14.16 4.71
CA LEU B 474 1.87 15.09 4.39
C LEU B 474 2.88 15.16 5.52
N VAL B 475 2.42 15.01 6.77
CA VAL B 475 3.35 14.82 7.88
C VAL B 475 4.14 13.52 7.69
N ALA B 476 3.44 12.44 7.39
CA ALA B 476 4.04 11.11 7.39
C ALA B 476 5.11 10.99 6.31
N LEU B 477 4.94 11.71 5.19
CA LEU B 477 5.94 11.63 4.13
C LEU B 477 7.31 12.08 4.63
N PHE B 478 7.38 13.28 5.20
CA PHE B 478 8.64 13.78 5.73
C PHE B 478 9.12 12.94 6.89
N THR B 479 8.20 12.53 7.77
CA THR B 479 8.59 11.75 8.94
C THR B 479 9.25 10.44 8.53
N ASP B 480 8.69 9.77 7.53
CA ASP B 480 9.26 8.50 7.07
C ASP B 480 10.58 8.72 6.35
N HIS B 481 10.62 9.68 5.42
CA HIS B 481 11.82 9.80 4.60
C HIS B 481 13.01 10.28 5.41
N GLN B 482 12.80 11.21 6.34
CA GLN B 482 13.92 11.82 7.04
C GLN B 482 14.35 11.08 8.29
N TRP B 483 13.42 10.41 8.99
CA TRP B 483 13.75 9.81 10.28
C TRP B 483 13.59 8.30 10.29
N VAL B 484 12.42 7.78 9.89
CA VAL B 484 12.12 6.37 10.12
C VAL B 484 12.99 5.47 9.25
N GLU B 485 13.11 5.80 7.97
CA GLU B 485 13.85 4.93 7.05
C GLU B 485 15.33 4.83 7.39
N PRO B 486 16.08 5.92 7.61
CA PRO B 486 17.49 5.75 7.99
C PRO B 486 17.68 4.99 9.28
N SER B 487 16.81 5.21 10.27
CA SER B 487 16.94 4.49 11.53
C SER B 487 16.67 3.01 11.36
N VAL B 488 15.67 2.66 10.54
CA VAL B 488 15.37 1.25 10.29
C VAL B 488 16.50 0.59 9.53
N VAL B 489 17.09 1.30 8.57
CA VAL B 489 18.25 0.77 7.86
C VAL B 489 19.41 0.55 8.83
N THR B 490 19.60 1.49 9.76
CA THR B 490 20.63 1.33 10.78
C THR B 490 20.39 0.07 11.60
N ALA B 491 19.16 -0.12 12.06
CA ALA B 491 18.84 -1.28 12.89
C ALA B 491 19.05 -2.57 12.11
N ASP B 492 18.67 -2.59 10.84
CA ASP B 492 18.87 -3.77 10.01
C ASP B 492 20.36 -4.07 9.84
N LEU B 493 21.16 -3.02 9.65
CA LEU B 493 22.60 -3.24 9.48
C LEU B 493 23.28 -3.63 10.78
N HIS B 494 22.65 -3.32 11.92
CA HIS B 494 23.27 -3.69 13.20
C HIS B 494 22.98 -5.13 13.59
N ALA B 495 21.70 -5.53 13.60
CA ALA B 495 21.31 -6.87 14.00
C ALA B 495 21.53 -7.89 12.90
N ARG B 496 22.31 -7.55 11.87
CA ARG B 496 22.54 -8.46 10.76
C ARG B 496 23.20 -9.75 11.23
N TYR B 497 24.14 -9.64 12.17
CA TYR B 497 24.85 -10.81 12.70
C TYR B 497 24.48 -11.11 14.14
N GLY B 498 23.28 -10.71 14.58
CA GLY B 498 22.79 -11.07 15.88
C GLY B 498 23.22 -10.18 17.03
N SER B 499 23.91 -9.08 16.76
CA SER B 499 24.28 -8.16 17.82
C SER B 499 23.03 -7.55 18.44
N PRO B 500 22.99 -7.39 19.76
CA PRO B 500 21.77 -6.91 20.43
C PRO B 500 21.38 -5.53 19.94
N THR B 501 20.11 -5.38 19.56
CA THR B 501 19.56 -4.13 19.08
C THR B 501 18.12 -4.01 19.55
N TYR B 502 17.70 -2.78 19.81
CA TYR B 502 16.33 -2.53 20.26
C TYR B 502 15.76 -1.34 19.50
N PHE B 503 14.48 -1.43 19.15
CA PHE B 503 13.81 -0.40 18.38
C PHE B 503 12.52 0.01 19.07
N TYR B 504 12.21 1.30 19.01
CA TYR B 504 11.01 1.81 19.66
C TYR B 504 10.40 2.95 18.84
N ALA B 505 9.08 3.09 19.00
CA ALA B 505 8.33 4.17 18.39
C ALA B 505 7.54 4.87 19.50
N PHE B 506 7.74 6.18 19.64
CA PHE B 506 7.07 6.96 20.67
C PHE B 506 5.73 7.43 20.11
N TYR B 507 4.65 6.98 20.74
CA TYR B 507 3.29 7.25 20.30
C TYR B 507 2.53 8.11 21.31
N HIS B 508 3.26 8.88 22.12
CA HIS B 508 2.64 9.67 23.17
C HIS B 508 3.39 10.99 23.32
N HIS B 509 2.69 11.99 23.84
CA HIS B 509 3.27 13.31 24.03
C HIS B 509 2.42 14.09 25.03
N CYS B 510 3.02 15.14 25.59
CA CYS B 510 2.31 16.03 26.50
C CYS B 510 1.28 16.84 25.74
N GLN B 511 0.35 17.44 26.49
CA GLN B 511 -0.57 18.41 25.92
C GLN B 511 -0.20 19.81 26.40
N SER B 512 -0.05 20.74 25.47
CA SER B 512 0.42 22.09 25.80
C SER B 512 0.14 23.00 24.61
N LEU B 513 0.50 24.27 24.79
CA LEU B 513 0.31 25.29 23.77
C LEU B 513 1.52 25.45 22.86
N MET B 514 2.65 24.81 23.16
CA MET B 514 3.80 24.89 22.26
C MET B 514 3.51 24.27 20.90
N LYS B 515 2.54 23.36 20.83
CA LYS B 515 2.25 22.61 19.63
C LYS B 515 0.74 22.64 19.36
N PRO B 516 0.33 22.54 18.11
CA PRO B 516 -1.11 22.49 17.81
C PRO B 516 -1.75 21.23 18.38
N ALA B 517 -3.03 21.32 18.67
CA ALA B 517 -3.74 20.19 19.28
C ALA B 517 -3.82 19.00 18.33
N TRP B 518 -3.93 19.26 17.03
CA TRP B 518 -4.08 18.17 16.07
C TRP B 518 -2.79 17.39 15.86
N SER B 519 -1.67 17.87 16.39
CA SER B 519 -0.37 17.27 16.14
C SER B 519 -0.19 15.98 16.93
N ASP B 520 0.63 15.10 16.37
CA ASP B 520 1.09 13.90 17.07
C ASP B 520 2.40 14.23 17.78
N ALA B 521 3.08 13.20 18.29
CA ALA B 521 4.38 13.40 18.92
C ALA B 521 5.39 13.90 17.90
N ALA B 522 5.76 15.17 18.00
CA ALA B 522 6.68 15.78 17.06
C ALA B 522 8.11 15.60 17.52
N HIS B 523 9.03 16.31 16.87
CA HIS B 523 10.44 16.22 17.20
C HIS B 523 10.72 16.80 18.57
N GLY B 524 11.26 15.99 19.47
CA GLY B 524 11.69 16.45 20.77
C GLY B 524 10.70 16.28 21.89
N ASP B 525 9.53 15.70 21.64
CA ASP B 525 8.56 15.54 22.71
C ASP B 525 8.83 14.34 23.61
N GLU B 526 9.70 13.42 23.18
CA GLU B 526 10.13 12.33 24.06
C GLU B 526 11.17 12.78 25.07
N VAL B 527 11.79 13.95 24.87
CA VAL B 527 12.84 14.42 25.76
C VAL B 527 12.37 14.59 27.20
N PRO B 528 11.22 15.23 27.48
CA PRO B 528 10.82 15.38 28.88
C PRO B 528 10.62 14.06 29.62
N TYR B 529 10.07 13.05 28.95
CA TYR B 529 9.81 11.78 29.60
C TYR B 529 11.09 11.04 29.99
N VAL B 530 12.09 11.01 29.10
CA VAL B 530 13.31 10.27 29.40
C VAL B 530 14.08 10.93 30.53
N PHE B 531 14.02 12.25 30.62
CA PHE B 531 14.68 12.99 31.70
C PHE B 531 13.77 13.16 32.92
N GLY B 532 12.56 12.62 32.88
CA GLY B 532 11.69 12.62 34.04
C GLY B 532 11.16 13.98 34.45
N VAL B 533 10.79 14.81 33.47
CA VAL B 533 10.04 16.03 33.79
C VAL B 533 8.71 15.74 34.47
N PRO B 534 7.91 14.76 34.04
CA PRO B 534 6.61 14.55 34.70
C PRO B 534 6.70 14.30 36.19
N MET B 535 7.81 13.76 36.67
CA MET B 535 7.95 13.60 38.11
C MET B 535 7.98 14.95 38.82
N VAL B 536 8.63 15.96 38.23
CA VAL B 536 8.64 17.30 38.81
C VAL B 536 7.40 18.09 38.43
N GLY B 537 6.86 17.92 37.23
CA GLY B 537 5.75 18.72 36.77
C GLY B 537 6.18 19.76 35.76
N PRO B 538 5.24 20.60 35.33
CA PRO B 538 5.56 21.63 34.33
C PRO B 538 6.72 22.52 34.78
N THR B 539 7.60 22.82 33.83
CA THR B 539 8.71 23.74 34.02
C THR B 539 8.68 24.80 32.92
N ASP B 540 9.60 25.77 33.02
CA ASP B 540 9.65 26.82 32.02
C ASP B 540 9.95 26.28 30.62
N LEU B 541 10.84 25.29 30.53
CA LEU B 541 11.19 24.71 29.23
C LEU B 541 10.12 23.76 28.71
N PHE B 542 9.33 23.16 29.59
CA PHE B 542 8.27 22.24 29.21
C PHE B 542 7.01 22.59 30.00
N PRO B 543 6.28 23.62 29.58
CA PRO B 543 5.11 24.08 30.35
C PRO B 543 3.85 23.24 30.16
N CYS B 544 3.97 22.02 29.65
CA CYS B 544 2.80 21.17 29.45
C CYS B 544 2.08 20.94 30.76
N ASN B 545 0.77 20.63 30.66
CA ASN B 545 -0.03 20.27 31.83
C ASN B 545 0.08 18.77 32.03
N PHE B 546 0.87 18.36 33.02
CA PHE B 546 1.19 16.95 33.18
C PHE B 546 0.11 16.26 34.02
N SER B 547 -0.34 15.10 33.55
CA SER B 547 -1.27 14.27 34.30
C SER B 547 -0.52 13.12 34.98
N LYS B 548 -1.28 12.27 35.68
CA LYS B 548 -0.68 11.10 36.32
C LYS B 548 -0.18 10.09 35.30
N ASN B 549 -0.94 9.89 34.22
CA ASN B 549 -0.49 8.98 33.17
C ASN B 549 0.85 9.43 32.60
N ASP B 550 1.07 10.75 32.53
CA ASP B 550 2.36 11.26 32.10
C ASP B 550 3.47 10.78 33.03
N VAL B 551 3.23 10.83 34.34
CA VAL B 551 4.23 10.37 35.30
C VAL B 551 4.51 8.89 35.12
N MET B 552 3.45 8.09 34.95
CA MET B 552 3.64 6.66 34.77
C MET B 552 4.47 6.35 33.53
N LEU B 553 4.15 6.99 32.41
CA LEU B 553 4.88 6.72 31.18
C LEU B 553 6.32 7.19 31.29
N SER B 554 6.54 8.35 31.92
CA SER B 554 7.91 8.77 32.20
C SER B 554 8.64 7.71 33.00
N ALA B 555 7.99 7.17 34.02
CA ALA B 555 8.63 6.15 34.85
C ALA B 555 9.04 4.94 34.02
N VAL B 556 8.13 4.41 33.21
CA VAL B 556 8.43 3.17 32.51
C VAL B 556 9.50 3.40 31.44
N VAL B 557 9.42 4.52 30.70
CA VAL B 557 10.43 4.76 29.66
C VAL B 557 11.81 4.97 30.27
N MET B 558 11.89 5.73 31.38
CA MET B 558 13.20 5.92 32.00
C MET B 558 13.69 4.61 32.61
N THR B 559 12.78 3.78 33.10
CA THR B 559 13.17 2.48 33.65
C THR B 559 13.78 1.61 32.56
N TYR B 560 13.17 1.61 31.38
CA TYR B 560 13.75 0.87 30.26
C TYR B 560 15.13 1.41 29.92
N TRP B 561 15.27 2.74 29.90
CA TRP B 561 16.57 3.34 29.59
C TRP B 561 17.63 2.90 30.59
N THR B 562 17.33 3.02 31.88
CA THR B 562 18.29 2.64 32.92
C THR B 562 18.60 1.15 32.88
N ASN B 563 17.59 0.31 32.66
CA ASN B 563 17.83 -1.13 32.60
C ASN B 563 18.77 -1.48 31.46
N PHE B 564 18.56 -0.85 30.29
CA PHE B 564 19.49 -1.08 29.19
C PHE B 564 20.88 -0.61 29.55
N ALA B 565 20.99 0.53 30.22
CA ALA B 565 22.31 1.03 30.62
C ALA B 565 23.00 0.04 31.54
N LYS B 566 22.25 -0.55 32.48
CA LYS B 566 22.86 -1.43 33.47
C LYS B 566 23.25 -2.77 32.87
N THR B 567 22.38 -3.37 32.06
CA THR B 567 22.61 -4.73 31.60
C THR B 567 22.70 -4.89 30.08
N GLY B 568 22.38 -3.86 29.31
CA GLY B 568 22.17 -4.10 27.90
C GLY B 568 20.83 -4.74 27.58
N ASP B 569 19.98 -4.88 28.58
CA ASP B 569 18.63 -5.43 28.39
C ASP B 569 17.66 -4.43 28.98
N PRO B 570 16.69 -3.94 28.21
CA PRO B 570 15.66 -3.07 28.79
C PRO B 570 14.81 -3.76 29.83
N ASN B 571 14.79 -5.09 29.86
CA ASN B 571 13.94 -5.84 30.77
C ASN B 571 14.65 -6.27 32.05
N LYS B 572 15.97 -6.35 32.06
CA LYS B 572 16.70 -6.81 33.23
C LYS B 572 17.52 -5.68 33.82
N PRO B 573 17.67 -5.62 35.15
CA PRO B 573 17.11 -6.52 36.16
C PRO B 573 15.78 -6.06 36.74
N VAL B 574 15.42 -4.79 36.59
CA VAL B 574 14.22 -4.24 37.21
C VAL B 574 13.00 -4.53 36.35
N PRO B 575 11.98 -5.20 36.87
CA PRO B 575 10.76 -5.44 36.09
C PRO B 575 9.76 -4.31 36.24
N GLN B 576 8.88 -4.22 35.25
CA GLN B 576 7.80 -3.25 35.27
C GLN B 576 6.68 -3.75 36.20
N ASP B 577 6.08 -2.84 36.95
CA ASP B 577 5.05 -3.21 37.91
C ASP B 577 4.08 -2.05 38.18
N VAL B 591 5.12 -5.83 30.24
CA VAL B 591 5.50 -6.10 28.86
C VAL B 591 7.01 -6.27 28.75
N ALA B 592 7.45 -7.22 27.94
CA ALA B 592 8.87 -7.51 27.74
C ALA B 592 9.30 -6.97 26.39
N TRP B 593 10.42 -6.24 26.37
CA TRP B 593 10.92 -5.65 25.14
C TRP B 593 11.80 -6.68 24.43
N SER B 594 11.28 -7.26 23.36
CA SER B 594 12.00 -8.27 22.61
C SER B 594 13.11 -7.65 21.76
N LYS B 595 14.08 -8.47 21.38
CA LYS B 595 15.18 -8.01 20.55
C LYS B 595 14.71 -7.85 19.10
N TYR B 596 15.42 -6.98 18.37
CA TYR B 596 15.12 -6.69 16.98
C TYR B 596 16.05 -7.51 16.09
N ASN B 597 15.48 -8.19 15.09
CA ASN B 597 16.26 -8.95 14.14
C ASN B 597 15.70 -8.74 12.74
N PRO B 598 16.52 -8.90 11.70
CA PRO B 598 16.10 -8.50 10.35
C PRO B 598 14.89 -9.23 9.82
N ARG B 599 14.53 -10.41 10.35
CA ARG B 599 13.39 -11.12 9.79
C ARG B 599 12.14 -10.92 10.64
N ASP B 600 12.29 -10.73 11.94
CA ASP B 600 11.11 -10.52 12.79
C ASP B 600 10.75 -9.05 12.89
N GLN B 601 11.75 -8.17 12.88
CA GLN B 601 11.55 -6.72 12.96
C GLN B 601 10.70 -6.35 14.17
N LEU B 602 10.99 -6.98 15.30
CA LEU B 602 10.20 -6.76 16.50
C LEU B 602 10.56 -5.43 17.15
N TYR B 603 9.53 -4.62 17.41
CA TYR B 603 9.72 -3.30 18.00
C TYR B 603 8.71 -3.10 19.11
N LEU B 604 8.94 -2.03 19.88
CA LEU B 604 8.14 -1.71 21.06
C LEU B 604 7.30 -0.48 20.77
N HIS B 605 5.98 -0.61 20.93
CA HIS B 605 5.08 0.53 20.89
C HIS B 605 5.06 1.16 22.28
N ILE B 606 5.69 2.32 22.41
CA ILE B 606 5.70 3.08 23.66
C ILE B 606 4.56 4.08 23.59
N GLY B 607 3.67 4.01 24.57
CA GLY B 607 2.57 4.93 24.69
C GLY B 607 1.87 4.68 26.00
N LEU B 608 0.63 5.15 26.10
CA LEU B 608 -0.18 4.86 27.28
C LEU B 608 -0.33 3.36 27.50
N LYS B 609 -0.44 2.58 26.43
CA LYS B 609 -0.49 1.12 26.50
C LYS B 609 0.68 0.57 25.68
N PRO B 610 1.85 0.40 26.29
CA PRO B 610 2.99 -0.14 25.54
C PRO B 610 2.78 -1.60 25.19
N ARG B 611 3.36 -2.01 24.05
CA ARG B 611 3.15 -3.36 23.58
C ARG B 611 4.26 -3.73 22.60
N VAL B 612 4.18 -4.92 22.04
CA VAL B 612 5.16 -5.38 21.08
C VAL B 612 4.49 -5.58 19.72
N ARG B 613 5.11 -5.03 18.68
CA ARG B 613 4.60 -5.19 17.32
C ARG B 613 5.77 -5.54 16.41
N ASP B 614 5.50 -5.67 15.11
CA ASP B 614 6.51 -6.05 14.14
C ASP B 614 6.36 -5.23 12.88
N HIS B 615 7.48 -5.05 12.18
CA HIS B 615 7.52 -4.40 10.87
C HIS B 615 6.90 -3.00 10.94
N TYR B 616 7.55 -2.12 11.69
CA TYR B 616 7.09 -0.75 11.83
C TYR B 616 7.10 -0.03 10.49
N ARG B 617 5.91 0.23 9.94
CA ARG B 617 5.75 0.91 8.64
C ARG B 617 6.64 0.27 7.58
N ALA B 618 6.60 -1.06 7.51
CA ALA B 618 7.50 -1.79 6.62
C ALA B 618 7.23 -1.45 5.16
N THR B 619 5.97 -1.20 4.81
CA THR B 619 5.64 -0.91 3.41
C THR B 619 6.30 0.37 2.95
N LYS B 620 6.14 1.46 3.69
CA LYS B 620 6.75 2.72 3.30
C LYS B 620 8.27 2.64 3.39
N VAL B 621 8.79 1.92 4.38
CA VAL B 621 10.22 1.76 4.53
C VAL B 621 10.81 1.06 3.30
N ALA B 622 10.16 -0.01 2.83
CA ALA B 622 10.62 -0.69 1.62
C ALA B 622 10.42 0.18 0.39
N PHE B 623 9.35 0.97 0.35
CA PHE B 623 9.11 1.87 -0.77
C PHE B 623 10.26 2.86 -0.92
N TRP B 624 10.68 3.47 0.19
CA TRP B 624 11.79 4.41 0.14
C TRP B 624 13.12 3.69 -0.09
N LYS B 625 13.30 2.52 0.51
CA LYS B 625 14.58 1.82 0.44
C LYS B 625 14.80 1.15 -0.91
N HIS B 626 13.77 0.53 -1.47
CA HIS B 626 13.92 -0.30 -2.65
C HIS B 626 13.39 0.33 -3.93
N LEU B 627 12.14 0.77 -3.96
CA LEU B 627 11.53 1.19 -5.20
C LEU B 627 12.06 2.53 -5.68
N VAL B 628 12.26 3.47 -4.74
CA VAL B 628 12.64 4.83 -5.12
C VAL B 628 13.93 4.88 -5.94
N PRO B 629 14.99 4.15 -5.59
CA PRO B 629 16.21 4.25 -6.42
C PRO B 629 16.01 3.85 -7.87
N HIS B 630 15.05 2.98 -8.15
CA HIS B 630 14.94 2.43 -9.50
C HIS B 630 14.30 3.42 -10.47
N LEU B 631 13.46 4.32 -9.97
CA LEU B 631 12.73 5.22 -10.87
C LEU B 631 13.66 6.19 -11.58
N TYR B 632 14.67 6.71 -10.88
CA TYR B 632 15.56 7.72 -11.44
C TYR B 632 16.97 7.18 -11.55
N ASN B 633 17.79 7.85 -12.36
CA ASN B 633 19.19 7.46 -12.54
C ASN B 633 19.99 7.66 -11.27
#